data_4MWC
#
_entry.id   4MWC
#
_cell.length_a   87.742
_cell.length_b   105.737
_cell.length_c   206.294
_cell.angle_alpha   90.000
_cell.angle_beta   90.000
_cell.angle_gamma   90.000
#
_symmetry.space_group_name_H-M   'P 21 21 21'
#
loop_
_entity.id
_entity.type
_entity.pdbx_description
1 polymer 'Methionyl-tRNA synthetase'
2 non-polymer GLYCEROL
3 non-polymer 'DIMETHYL SULFOXIDE'
4 non-polymer 'SULFATE ION'
5 non-polymer METHIONINE
6 non-polymer 1-(3-{[(2-methyl-1-benzothiophen-3-yl)methyl]amino}propyl)-3-thiophen-3-ylurea
7 water water
#
_entity_poly.entity_id   1
_entity_poly.type   'polypeptide(L)'
_entity_poly.pdbx_seq_one_letter_code
;GPGSMKVEKVFFVTSPIYYVNAAPHIGHVYSTLITDVIGRYHRVKGERVFALTGTDEHGQKVAEAAKQKQVSPYDFTTAV
AGEFKKCFEQMDYSIDYFIRTTNEQHKAVVKELWTKLEQKGDIYLGRYEGWYSISDESFLTPQNITDGVDKDGNPCKVSL
ESGHVVTWVSEENYMFRLSAFRERLLEWYHANPGCIVPEFRRREVIRAVEKGLPDLSVSRARATLHNWAIPVPGNPDH
(CAS)VYVWLDALTNYLTGSRLRVDESGKEVSLVDDFNELERFPADVHVIGKDILKFHAIYWPAFLLSAGLPLPKKIVAH
GWWTKDRKKISKSLGNVFDPVEKAEEFGYDALKYFLLRESGFSDDGDYSDKNMIARLNGELADTLGNLVMRCTSAKINVN
GEWPSPAAYTEEDESLIQLIKDLPGTADHYYLIPDIQKAIIAVFDVLRAINAYVTDMAPWKLVKTDPERLRTVLYITLEG
VRVTTLLLSPILPRKSVVIFDMLGVPEVHRKGIENFEFGAVPPGTRLGPAVEGEVLFSKRSTENTKST
;
_entity_poly.pdbx_strand_id   A,B
#
loop_
_chem_comp.id
_chem_comp.type
_chem_comp.name
_chem_comp.formula
2EM non-polymer 1-(3-{[(2-methyl-1-benzothiophen-3-yl)methyl]amino}propyl)-3-thiophen-3-ylurea 'C18 H21 N3 O S2'
DMS non-polymer 'DIMETHYL SULFOXIDE' 'C2 H6 O S'
GOL non-polymer GLYCEROL 'C3 H8 O3'
SO4 non-polymer 'SULFATE ION' 'O4 S -2'
#
# COMPACT_ATOMS: atom_id res chain seq x y z
N VAL A 7 -4.84 12.62 -29.45
CA VAL A 7 -4.71 11.77 -30.68
C VAL A 7 -5.06 10.30 -30.39
N GLU A 8 -5.87 9.73 -31.28
CA GLU A 8 -6.30 8.34 -31.20
C GLU A 8 -5.57 7.55 -32.29
N LYS A 9 -4.75 6.61 -31.89
CA LYS A 9 -3.90 5.90 -32.83
C LYS A 9 -3.69 4.48 -32.35
N VAL A 10 -2.92 3.69 -33.09
CA VAL A 10 -2.56 2.36 -32.63
C VAL A 10 -1.44 2.56 -31.62
N PHE A 11 -1.62 2.03 -30.42
CA PHE A 11 -0.56 2.05 -29.46
C PHE A 11 0.58 1.20 -30.01
N PHE A 12 1.73 1.82 -30.21
CA PHE A 12 2.88 1.19 -30.87
C PHE A 12 4.01 0.98 -29.86
N VAL A 13 4.27 -0.29 -29.56
CA VAL A 13 5.30 -0.69 -28.63
C VAL A 13 6.28 -1.66 -29.30
N THR A 14 7.56 -1.48 -29.04
CA THR A 14 8.63 -2.24 -29.73
C THR A 14 9.66 -2.80 -28.78
N SER A 15 10.31 -3.88 -29.21
CA SER A 15 11.51 -4.39 -28.57
C SER A 15 12.67 -3.99 -29.45
N PRO A 16 13.90 -4.19 -28.95
CA PRO A 16 15.03 -4.06 -29.84
C PRO A 16 14.98 -5.22 -30.83
N ILE A 17 15.58 -5.04 -32.00
CA ILE A 17 15.83 -6.16 -32.90
C ILE A 17 17.23 -6.67 -32.59
N TYR A 18 17.35 -7.98 -32.41
CA TYR A 18 18.54 -8.57 -31.79
C TYR A 18 19.53 -9.06 -32.84
N TYR A 19 20.83 -8.88 -32.59
CA TYR A 19 21.85 -9.44 -33.46
C TYR A 19 21.71 -10.95 -33.50
N VAL A 20 21.91 -11.52 -34.68
CA VAL A 20 21.77 -12.97 -34.89
C VAL A 20 23.13 -13.68 -35.00
N ASN A 21 24.16 -13.10 -34.39
CA ASN A 21 25.48 -13.74 -34.26
C ASN A 21 25.47 -15.04 -33.42
N ALA A 22 24.45 -15.18 -32.59
CA ALA A 22 24.34 -16.32 -31.68
C ALA A 22 22.89 -16.56 -31.25
N ALA A 23 22.69 -17.74 -30.65
CA ALA A 23 21.37 -18.23 -30.29
C ALA A 23 20.67 -17.26 -29.35
N PRO A 24 19.34 -17.27 -29.36
CA PRO A 24 18.60 -16.42 -28.42
C PRO A 24 18.79 -16.88 -26.97
N HIS A 25 18.80 -15.92 -26.06
CA HIS A 25 19.00 -16.18 -24.65
C HIS A 25 18.11 -15.24 -23.80
N ILE A 26 18.31 -15.25 -22.49
CA ILE A 26 17.39 -14.58 -21.57
C ILE A 26 17.25 -13.07 -21.82
N GLY A 27 18.35 -12.38 -22.01
CA GLY A 27 18.32 -10.96 -22.31
C GLY A 27 17.28 -10.62 -23.37
N HIS A 28 17.29 -11.36 -24.47
CA HIS A 28 16.35 -11.15 -25.57
C HIS A 28 14.91 -11.47 -25.14
N VAL A 29 14.74 -12.60 -24.47
CA VAL A 29 13.41 -13.01 -24.00
C VAL A 29 12.81 -11.96 -23.07
N TYR A 30 13.63 -11.46 -22.15
CA TYR A 30 13.22 -10.46 -21.17
C TYR A 30 12.76 -9.18 -21.86
N SER A 31 13.60 -8.67 -22.76
CA SER A 31 13.29 -7.46 -23.50
C SER A 31 11.96 -7.61 -24.25
N THR A 32 11.81 -8.73 -24.93
CA THR A 32 10.61 -8.97 -25.69
C THR A 32 9.41 -9.15 -24.73
N LEU A 33 9.64 -9.86 -23.62
CA LEU A 33 8.61 -10.00 -22.60
C LEU A 33 8.09 -8.65 -22.12
N ILE A 34 8.99 -7.71 -21.84
CA ILE A 34 8.59 -6.39 -21.42
C ILE A 34 7.73 -5.76 -22.49
N THR A 35 8.18 -5.81 -23.73
CA THR A 35 7.38 -5.29 -24.86
C THR A 35 6.00 -5.93 -24.90
N ASP A 36 5.96 -7.25 -24.72
CA ASP A 36 4.72 -8.01 -24.76
C ASP A 36 3.73 -7.62 -23.69
N VAL A 37 4.23 -7.44 -22.46
CA VAL A 37 3.40 -7.07 -21.32
C VAL A 37 2.73 -5.70 -21.51
N ILE A 38 3.53 -4.70 -21.90
CA ILE A 38 3.00 -3.37 -22.19
C ILE A 38 1.89 -3.49 -23.25
N GLY A 39 2.19 -4.11 -24.38
CA GLY A 39 1.18 -4.32 -25.41
C GLY A 39 -0.05 -5.03 -24.87
N ARG A 40 0.15 -6.10 -24.09
CA ARG A 40 -0.98 -6.87 -23.56
C ARG A 40 -1.87 -5.99 -22.70
N TYR A 41 -1.26 -5.15 -21.86
CA TYR A 41 -2.04 -4.26 -20.98
C TYR A 41 -2.91 -3.26 -21.75
N HIS A 42 -2.35 -2.66 -22.80
CA HIS A 42 -3.13 -1.74 -23.63
C HIS A 42 -4.26 -2.43 -24.42
N ARG A 43 -4.07 -3.68 -24.78
CA ARG A 43 -5.18 -4.44 -25.35
C ARG A 43 -6.27 -4.67 -24.30
N VAL A 44 -5.96 -4.90 -23.03
CA VAL A 44 -7.05 -5.14 -22.06
C VAL A 44 -7.78 -3.84 -21.71
N LYS A 45 -7.12 -2.71 -21.87
CA LYS A 45 -7.80 -1.41 -21.81
C LYS A 45 -8.70 -1.16 -23.05
N GLY A 46 -8.64 -2.08 -24.02
CA GLY A 46 -9.47 -1.98 -25.20
C GLY A 46 -8.85 -1.19 -26.35
N GLU A 47 -7.55 -0.91 -26.25
CA GLU A 47 -6.86 -0.12 -27.27
C GLU A 47 -6.35 -0.97 -28.45
N ARG A 48 -6.28 -0.38 -29.65
CA ARG A 48 -5.55 -0.99 -30.76
C ARG A 48 -4.05 -0.99 -30.45
N VAL A 49 -3.40 -2.14 -30.69
CA VAL A 49 -1.97 -2.29 -30.36
C VAL A 49 -1.20 -2.92 -31.51
N PHE A 50 0.02 -2.45 -31.74
CA PHE A 50 0.95 -3.13 -32.63
C PHE A 50 2.25 -3.33 -31.88
N ALA A 51 2.51 -4.56 -31.44
CA ALA A 51 3.72 -4.88 -30.72
C ALA A 51 4.71 -5.51 -31.69
N LEU A 52 5.94 -5.02 -31.68
CA LEU A 52 6.95 -5.38 -32.69
C LEU A 52 8.24 -5.90 -32.06
N THR A 53 8.78 -6.97 -32.65
CA THR A 53 10.09 -7.49 -32.27
C THR A 53 10.78 -7.98 -33.53
N GLY A 54 12.05 -8.35 -33.40
CA GLY A 54 12.77 -8.89 -34.56
C GLY A 54 14.26 -9.11 -34.42
N THR A 55 14.92 -9.20 -35.57
CA THR A 55 16.31 -9.55 -35.65
C THR A 55 17.06 -8.54 -36.49
N ASP A 56 18.27 -8.23 -36.03
CA ASP A 56 19.18 -7.27 -36.64
C ASP A 56 20.20 -8.14 -37.35
N GLU A 57 20.15 -8.18 -38.68
CA GLU A 57 20.80 -9.27 -39.40
C GLU A 57 22.01 -8.91 -40.26
N HIS A 58 22.25 -7.62 -40.45
CA HIS A 58 23.41 -7.18 -41.20
C HIS A 58 24.60 -6.88 -40.30
N GLY A 59 25.68 -6.45 -40.93
CA GLY A 59 26.83 -5.95 -40.20
C GLY A 59 28.00 -6.89 -40.15
N GLN A 60 29.12 -6.32 -39.71
CA GLN A 60 30.39 -7.02 -39.63
C GLN A 60 30.34 -8.11 -38.58
N LYS A 61 29.79 -7.77 -37.43
CA LYS A 61 29.59 -8.72 -36.33
C LYS A 61 28.93 -10.00 -36.84
N VAL A 62 27.74 -9.87 -37.40
CA VAL A 62 26.96 -11.02 -37.88
C VAL A 62 27.67 -11.72 -39.03
N ALA A 63 28.18 -10.95 -39.98
CA ALA A 63 28.92 -11.51 -41.12
C ALA A 63 30.12 -12.32 -40.66
N GLU A 64 30.79 -11.87 -39.60
CA GLU A 64 31.95 -12.57 -39.09
C GLU A 64 31.55 -13.75 -38.22
N ALA A 65 30.47 -13.62 -37.47
CA ALA A 65 29.90 -14.78 -36.77
C ALA A 65 29.60 -15.95 -37.72
N ALA A 66 29.18 -15.63 -38.94
CA ALA A 66 28.82 -16.63 -39.94
C ALA A 66 30.03 -17.21 -40.65
N LYS A 67 31.11 -16.43 -40.71
CA LYS A 67 32.37 -16.90 -41.26
C LYS A 67 33.03 -17.89 -40.30
N GLN A 68 32.83 -17.66 -39.00
CA GLN A 68 33.37 -18.54 -37.96
C GLN A 68 32.73 -19.93 -38.03
N LYS A 69 31.42 -19.98 -38.25
CA LYS A 69 30.70 -21.24 -38.45
C LYS A 69 30.77 -21.73 -39.91
N GLN A 70 31.45 -20.96 -40.77
CA GLN A 70 31.75 -21.37 -42.15
C GLN A 70 30.52 -21.71 -42.98
N VAL A 71 29.61 -20.75 -43.11
CA VAL A 71 28.46 -20.89 -43.99
C VAL A 71 28.06 -19.49 -44.49
N SER A 72 27.29 -19.42 -45.58
CA SER A 72 26.85 -18.14 -46.15
C SER A 72 26.08 -17.29 -45.16
N PRO A 73 26.25 -15.95 -45.22
CA PRO A 73 25.47 -15.09 -44.34
C PRO A 73 23.97 -15.27 -44.52
N TYR A 74 23.50 -15.53 -45.73
CA TYR A 74 22.08 -15.70 -46.00
C TYR A 74 21.54 -16.91 -45.22
N ASP A 75 22.22 -18.04 -45.31
CA ASP A 75 21.80 -19.26 -44.60
C ASP A 75 21.93 -19.12 -43.10
N PHE A 76 23.00 -18.46 -42.68
CA PHE A 76 23.29 -18.31 -41.26
C PHE A 76 22.25 -17.42 -40.58
N THR A 77 21.98 -16.26 -41.17
CA THR A 77 21.00 -15.34 -40.60
C THR A 77 19.64 -16.00 -40.57
N THR A 78 19.30 -16.74 -41.61
CA THR A 78 17.98 -17.40 -41.67
C THR A 78 17.84 -18.48 -40.58
N ALA A 79 18.90 -19.27 -40.40
CA ALA A 79 18.93 -20.29 -39.35
C ALA A 79 18.68 -19.70 -37.97
N VAL A 80 19.43 -18.64 -37.65
CA VAL A 80 19.43 -18.10 -36.30
C VAL A 80 18.15 -17.35 -36.04
N ALA A 81 17.66 -16.63 -37.05
CA ALA A 81 16.35 -16.01 -36.99
C ALA A 81 15.27 -17.05 -36.70
N GLY A 82 15.35 -18.19 -37.37
CA GLY A 82 14.44 -19.29 -37.10
C GLY A 82 14.44 -19.70 -35.63
N GLU A 83 15.62 -19.68 -35.01
CA GLU A 83 15.78 -19.97 -33.60
C GLU A 83 15.13 -18.90 -32.73
N PHE A 84 15.31 -17.64 -33.10
CA PHE A 84 14.62 -16.55 -32.40
C PHE A 84 13.10 -16.67 -32.43
N LYS A 85 12.54 -16.97 -33.60
CA LYS A 85 11.07 -17.13 -33.73
C LYS A 85 10.57 -18.33 -32.95
N LYS A 86 11.18 -19.48 -33.18
CA LYS A 86 10.86 -20.67 -32.42
C LYS A 86 10.83 -20.38 -30.90
N CYS A 87 11.86 -19.69 -30.41
CA CYS A 87 11.98 -19.35 -28.98
C CYS A 87 10.82 -18.47 -28.54
N PHE A 88 10.55 -17.41 -29.28
CA PHE A 88 9.50 -16.46 -28.92
C PHE A 88 8.12 -17.08 -29.05
N GLU A 89 7.92 -17.92 -30.06
CA GLU A 89 6.68 -18.67 -30.14
C GLU A 89 6.54 -19.55 -28.90
N GLN A 90 7.61 -20.21 -28.49
CA GLN A 90 7.54 -21.06 -27.30
C GLN A 90 7.24 -20.26 -26.03
N MET A 91 7.72 -19.03 -25.98
CA MET A 91 7.48 -18.17 -24.81
C MET A 91 6.06 -17.64 -24.76
N ASP A 92 5.28 -17.92 -25.79
CA ASP A 92 3.84 -17.65 -25.74
C ASP A 92 3.61 -16.16 -25.49
N TYR A 93 4.19 -15.34 -26.37
CA TYR A 93 3.98 -13.91 -26.38
C TYR A 93 2.77 -13.60 -27.23
N SER A 94 2.39 -12.33 -27.30
CA SER A 94 1.38 -11.87 -28.23
C SER A 94 1.97 -10.74 -29.05
N ILE A 95 2.96 -11.08 -29.87
CA ILE A 95 3.63 -10.12 -30.74
C ILE A 95 2.92 -10.05 -32.08
N ASP A 96 2.75 -8.85 -32.61
CA ASP A 96 2.01 -8.68 -33.84
C ASP A 96 2.87 -8.87 -35.09
N TYR A 97 4.17 -8.61 -34.99
CA TYR A 97 5.04 -8.87 -36.13
C TYR A 97 6.51 -9.07 -35.73
N PHE A 98 7.18 -9.91 -36.49
CA PHE A 98 8.59 -10.20 -36.31
C PHE A 98 9.30 -9.65 -37.56
N ILE A 99 10.20 -8.72 -37.38
CA ILE A 99 10.83 -8.07 -38.51
C ILE A 99 12.27 -8.56 -38.62
N ARG A 100 12.72 -8.77 -39.85
CA ARG A 100 14.10 -9.11 -40.15
C ARG A 100 14.65 -8.04 -41.08
N THR A 101 15.82 -7.49 -40.77
CA THR A 101 16.38 -6.42 -41.60
C THR A 101 16.83 -6.90 -42.99
N THR A 102 16.90 -8.22 -43.20
CA THR A 102 17.16 -8.76 -44.53
C THR A 102 15.94 -8.63 -45.42
N ASN A 103 14.80 -8.34 -44.81
CA ASN A 103 13.56 -8.12 -45.53
C ASN A 103 13.72 -7.04 -46.57
N GLU A 104 13.23 -7.32 -47.78
CA GLU A 104 13.40 -6.45 -48.93
C GLU A 104 12.65 -5.15 -48.77
N GLN A 105 11.49 -5.17 -48.12
CA GLN A 105 10.74 -3.94 -47.87
C GLN A 105 11.44 -3.07 -46.81
N HIS A 106 12.02 -3.69 -45.80
CA HIS A 106 12.87 -2.95 -44.88
C HIS A 106 13.98 -2.18 -45.60
N LYS A 107 14.65 -2.83 -46.55
CA LYS A 107 15.73 -2.19 -47.28
C LYS A 107 15.26 -0.93 -48.01
N ALA A 108 14.09 -1.00 -48.63
CA ALA A 108 13.50 0.15 -49.33
C ALA A 108 13.31 1.33 -48.39
N VAL A 109 12.78 1.07 -47.21
CA VAL A 109 12.55 2.12 -46.19
C VAL A 109 13.86 2.74 -45.72
N VAL A 110 14.88 1.92 -45.51
CA VAL A 110 16.21 2.44 -45.19
C VAL A 110 16.70 3.39 -46.29
N LYS A 111 16.66 2.93 -47.53
CA LYS A 111 17.07 3.78 -48.66
C LYS A 111 16.27 5.09 -48.74
N GLU A 112 15.00 5.01 -48.38
CA GLU A 112 14.12 6.16 -48.40
C GLU A 112 14.53 7.17 -47.32
N LEU A 113 14.78 6.67 -46.10
CA LEU A 113 15.21 7.52 -45.00
C LEU A 113 16.58 8.12 -45.27
N TRP A 114 17.51 7.29 -45.76
CA TRP A 114 18.84 7.77 -46.07
C TRP A 114 18.74 8.97 -47.00
N THR A 115 18.01 8.79 -48.10
CA THR A 115 17.80 9.84 -49.09
C THR A 115 17.22 11.12 -48.46
N LYS A 116 16.30 10.96 -47.50
CA LYS A 116 15.75 12.13 -46.80
C LYS A 116 16.86 12.90 -46.09
N LEU A 117 17.69 12.19 -45.36
CA LEU A 117 18.75 12.82 -44.59
C LEU A 117 19.70 13.54 -45.53
N GLU A 118 19.99 12.92 -46.67
CA GLU A 118 20.88 13.51 -47.65
C GLU A 118 20.28 14.80 -48.21
N GLN A 119 19.02 14.72 -48.65
CA GLN A 119 18.35 15.85 -49.29
C GLN A 119 18.21 17.02 -48.34
N LYS A 120 18.07 16.69 -47.06
CA LYS A 120 18.05 17.64 -45.97
C LYS A 120 19.36 18.39 -45.81
N GLY A 121 20.43 17.88 -46.41
CA GLY A 121 21.78 18.45 -46.29
C GLY A 121 22.54 17.97 -45.06
N ASP A 122 22.10 16.85 -44.47
CA ASP A 122 22.66 16.41 -43.20
C ASP A 122 23.67 15.26 -43.31
N ILE A 123 24.00 14.86 -44.53
CA ILE A 123 25.00 13.83 -44.76
C ILE A 123 26.08 14.28 -45.73
N TYR A 124 27.35 14.28 -45.30
CA TYR A 124 28.48 14.67 -46.16
C TYR A 124 29.53 13.58 -46.17
N LEU A 125 30.43 13.63 -47.15
CA LEU A 125 31.54 12.70 -47.22
C LEU A 125 32.66 13.23 -46.35
N GLY A 126 33.04 12.41 -45.35
CA GLY A 126 34.20 12.66 -44.48
C GLY A 126 35.02 11.41 -44.16
N ARG A 127 35.77 11.48 -43.05
CA ARG A 127 36.52 10.34 -42.52
C ARG A 127 36.15 10.10 -41.06
N TYR A 128 36.08 8.83 -40.67
CA TYR A 128 36.16 8.46 -39.27
C TYR A 128 37.54 7.87 -39.05
N GLU A 129 38.28 8.45 -38.09
CA GLU A 129 39.54 7.91 -37.62
C GLU A 129 39.44 7.80 -36.12
N GLY A 130 39.17 6.60 -35.63
CA GLY A 130 38.99 6.41 -34.20
C GLY A 130 38.67 4.97 -33.89
N TRP A 131 38.35 4.71 -32.63
CA TRP A 131 38.08 3.36 -32.16
C TRP A 131 36.69 2.88 -32.56
N TYR A 132 36.57 1.57 -32.77
CA TYR A 132 35.28 0.95 -33.04
C TYR A 132 35.17 -0.37 -32.29
N SER A 133 34.00 -0.66 -31.76
CA SER A 133 33.74 -1.97 -31.17
C SER A 133 32.83 -2.69 -32.13
N ILE A 134 33.35 -3.74 -32.74
CA ILE A 134 32.58 -4.54 -33.68
C ILE A 134 31.43 -5.27 -32.98
N SER A 135 31.73 -5.87 -31.83
CA SER A 135 30.74 -6.62 -31.06
C SER A 135 29.53 -5.76 -30.72
N ASP A 136 29.77 -4.49 -30.41
CA ASP A 136 28.69 -3.55 -30.09
C ASP A 136 28.24 -2.73 -31.29
N GLU A 137 28.95 -2.90 -32.42
CA GLU A 137 28.85 -2.05 -33.63
C GLU A 137 28.82 -0.57 -33.27
N SER A 138 29.78 -0.13 -32.46
CA SER A 138 29.72 1.19 -31.83
C SER A 138 31.03 1.97 -31.94
N PHE A 139 30.91 3.25 -32.27
CA PHE A 139 32.05 4.14 -32.24
C PHE A 139 32.36 4.57 -30.81
N LEU A 140 33.64 4.71 -30.50
CA LEU A 140 34.08 5.07 -29.16
C LEU A 140 35.22 6.09 -29.18
N THR A 141 35.12 7.06 -28.28
CA THR A 141 36.20 8.00 -28.02
C THR A 141 37.27 7.32 -27.17
N PRO A 142 38.47 7.89 -27.12
CA PRO A 142 39.52 7.28 -26.31
C PRO A 142 39.17 7.24 -24.80
N GLN A 143 38.32 8.18 -24.38
CA GLN A 143 37.86 8.24 -23.00
C GLN A 143 37.06 6.97 -22.65
N ASN A 144 36.58 6.26 -23.66
CA ASN A 144 35.74 5.08 -23.41
C ASN A 144 36.37 3.75 -23.77
N ILE A 145 37.70 3.71 -23.84
CA ILE A 145 38.41 2.45 -23.99
C ILE A 145 39.44 2.30 -22.90
N THR A 146 39.96 1.09 -22.75
CA THR A 146 41.01 0.82 -21.78
C THR A 146 41.73 -0.45 -22.19
N ASP A 147 42.72 -0.84 -21.40
CA ASP A 147 43.51 -2.03 -21.70
C ASP A 147 42.80 -3.32 -21.30
N GLY A 148 43.16 -4.40 -21.97
CA GLY A 148 42.59 -5.71 -21.70
C GLY A 148 43.29 -6.78 -22.52
N VAL A 149 42.71 -7.96 -22.55
CA VAL A 149 43.30 -9.08 -23.28
C VAL A 149 42.32 -9.64 -24.33
N ASP A 150 42.82 -9.92 -25.53
CA ASP A 150 42.02 -10.59 -26.55
C ASP A 150 41.90 -12.08 -26.24
N LYS A 151 41.17 -12.82 -27.08
CA LYS A 151 40.91 -14.23 -26.82
C LYS A 151 42.13 -15.16 -27.02
N ASP A 152 43.30 -14.55 -27.30
CA ASP A 152 44.60 -15.23 -27.17
C ASP A 152 45.22 -15.00 -25.79
N GLY A 153 44.93 -13.85 -25.18
CA GLY A 153 45.60 -13.41 -23.95
C GLY A 153 46.66 -12.34 -24.19
N ASN A 154 46.80 -11.92 -25.45
CA ASN A 154 47.68 -10.83 -25.81
C ASN A 154 47.04 -9.47 -25.51
N PRO A 155 47.86 -8.44 -25.24
CA PRO A 155 47.33 -7.14 -24.83
C PRO A 155 46.65 -6.41 -25.96
N CYS A 156 45.46 -5.88 -25.69
CA CYS A 156 44.69 -5.14 -26.66
C CYS A 156 43.99 -4.00 -25.95
N LYS A 157 43.12 -3.31 -26.68
CA LYS A 157 42.20 -2.35 -26.10
C LYS A 157 40.80 -2.95 -26.11
N VAL A 158 39.98 -2.52 -25.16
CA VAL A 158 38.59 -2.99 -25.03
C VAL A 158 37.63 -1.85 -24.65
N SER A 159 36.34 -2.05 -24.87
CA SER A 159 35.37 -1.08 -24.46
C SER A 159 35.22 -1.04 -22.95
N LEU A 160 35.12 0.17 -22.41
CA LEU A 160 34.77 0.37 -20.99
C LEU A 160 33.33 -0.02 -20.73
N GLU A 161 32.46 0.34 -21.67
CA GLU A 161 31.06 -0.03 -21.64
C GLU A 161 30.85 -1.55 -21.58
N SER A 162 31.50 -2.28 -22.50
CA SER A 162 31.14 -3.69 -22.72
C SER A 162 32.26 -4.69 -22.48
N GLY A 163 33.51 -4.26 -22.62
CA GLY A 163 34.66 -5.17 -22.42
C GLY A 163 35.12 -5.91 -23.67
N HIS A 164 34.46 -5.65 -24.79
CA HIS A 164 34.81 -6.29 -26.04
C HIS A 164 36.00 -5.60 -26.68
N VAL A 165 36.74 -6.35 -27.47
CA VAL A 165 37.88 -5.83 -28.20
C VAL A 165 37.47 -4.66 -29.09
N VAL A 166 38.28 -3.60 -29.07
CA VAL A 166 38.13 -2.48 -30.00
C VAL A 166 39.27 -2.42 -31.01
N THR A 167 38.97 -1.90 -32.18
CA THR A 167 39.96 -1.71 -33.23
C THR A 167 39.92 -0.29 -33.76
N TRP A 168 41.07 0.16 -34.25
CA TRP A 168 41.19 1.48 -34.85
C TRP A 168 40.73 1.40 -36.30
N VAL A 169 39.87 2.35 -36.69
CA VAL A 169 39.27 2.38 -38.01
C VAL A 169 39.63 3.73 -38.61
N SER A 170 40.14 3.69 -39.84
CA SER A 170 40.47 4.92 -40.56
C SER A 170 39.91 4.74 -41.96
N GLU A 171 38.77 5.36 -42.23
CA GLU A 171 38.02 5.16 -43.48
C GLU A 171 37.32 6.41 -43.91
N GLU A 172 37.33 6.67 -45.21
CA GLU A 172 36.46 7.66 -45.80
C GLU A 172 35.02 7.16 -45.68
N ASN A 173 34.22 7.85 -44.86
CA ASN A 173 32.82 7.47 -44.58
C ASN A 173 31.87 8.62 -44.82
N TYR A 174 30.60 8.30 -45.10
CA TYR A 174 29.54 9.30 -45.09
C TYR A 174 29.20 9.62 -43.65
N MET A 175 29.12 10.91 -43.32
CA MET A 175 28.90 11.38 -41.95
C MET A 175 27.55 12.10 -41.80
N PHE A 176 26.77 11.68 -40.81
CA PHE A 176 25.55 12.40 -40.38
C PHE A 176 25.96 13.56 -39.48
N ARG A 177 25.28 14.70 -39.63
CA ARG A 177 25.64 15.92 -38.89
C ARG A 177 25.05 15.97 -37.49
N LEU A 178 25.33 14.95 -36.68
CA LEU A 178 24.70 14.79 -35.36
C LEU A 178 25.00 16.00 -34.47
N SER A 179 26.18 16.57 -34.64
CA SER A 179 26.58 17.76 -33.89
C SER A 179 25.58 18.90 -34.01
N ALA A 180 24.90 18.99 -35.15
CA ALA A 180 23.95 20.08 -35.36
C ALA A 180 22.62 19.88 -34.64
N PHE A 181 22.43 18.74 -33.99
CA PHE A 181 21.18 18.39 -33.32
C PHE A 181 21.26 18.45 -31.80
N ARG A 182 22.39 18.90 -31.28
CA ARG A 182 22.58 19.05 -29.84
C ARG A 182 21.47 19.87 -29.16
N GLU A 183 21.26 21.11 -29.58
CA GLU A 183 20.26 21.98 -28.95
C GLU A 183 18.82 21.49 -29.06
N ARG A 184 18.50 20.84 -30.16
CA ARG A 184 17.13 20.34 -30.39
C ARG A 184 16.83 19.09 -29.57
N LEU A 185 17.82 18.23 -29.44
CA LEU A 185 17.73 17.08 -28.54
C LEU A 185 17.58 17.54 -27.08
N LEU A 186 18.29 18.58 -26.69
CA LEU A 186 18.15 19.12 -25.35
C LEU A 186 16.78 19.75 -25.12
N GLU A 187 16.28 20.51 -26.10
CA GLU A 187 14.91 21.02 -26.07
C GLU A 187 13.93 19.87 -25.87
N TRP A 188 14.17 18.78 -26.57
CA TRP A 188 13.27 17.63 -26.54
C TRP A 188 13.26 16.92 -25.18
N TYR A 189 14.43 16.67 -24.61
CA TYR A 189 14.53 15.99 -23.32
C TYR A 189 13.85 16.82 -22.24
N HIS A 190 13.99 18.13 -22.33
CA HIS A 190 13.46 19.00 -21.29
C HIS A 190 12.00 19.23 -21.50
N ALA A 191 11.56 19.22 -22.76
CA ALA A 191 10.15 19.47 -23.06
C ALA A 191 9.29 18.30 -22.64
N ASN A 192 9.88 17.12 -22.61
CA ASN A 192 9.18 15.89 -22.31
C ASN A 192 9.97 15.11 -21.25
N PRO A 193 9.89 15.57 -20.00
CA PRO A 193 10.71 15.02 -18.93
C PRO A 193 10.38 13.57 -18.59
N GLY A 194 9.36 13.00 -19.23
CA GLY A 194 9.06 11.58 -19.06
C GLY A 194 9.47 10.72 -20.25
N CYS A 195 10.14 11.30 -21.25
CA CYS A 195 10.42 10.59 -22.49
C CYS A 195 11.47 9.48 -22.38
N ILE A 196 12.29 9.53 -21.34
CA ILE A 196 13.24 8.47 -21.06
C ILE A 196 13.05 7.98 -19.62
N VAL A 197 12.88 6.67 -19.48
CA VAL A 197 12.68 6.01 -18.19
C VAL A 197 13.73 4.90 -18.01
N PRO A 198 14.26 4.73 -16.79
CA PRO A 198 14.00 5.49 -15.58
C PRO A 198 14.74 6.80 -15.61
N GLU A 199 14.35 7.67 -14.70
CA GLU A 199 14.82 9.05 -14.68
C GLU A 199 16.36 9.19 -14.67
N PHE A 200 17.09 8.32 -13.96
CA PHE A 200 18.55 8.50 -13.89
C PHE A 200 19.26 8.25 -15.23
N ARG A 201 18.60 7.49 -16.10
CA ARG A 201 19.03 7.29 -17.47
C ARG A 201 18.72 8.51 -18.32
N ARG A 202 17.54 9.10 -18.13
CA ARG A 202 17.29 10.41 -18.69
C ARG A 202 18.40 11.40 -18.33
N ARG A 203 18.82 11.40 -17.07
CA ARG A 203 19.91 12.28 -16.65
C ARG A 203 21.22 11.92 -17.35
N GLU A 204 21.49 10.62 -17.54
CA GLU A 204 22.66 10.20 -18.33
C GLU A 204 22.69 10.86 -19.72
N VAL A 205 21.60 10.70 -20.47
CA VAL A 205 21.55 11.17 -21.83
C VAL A 205 21.77 12.67 -21.87
N ILE A 206 21.08 13.40 -21.03
CA ILE A 206 21.23 14.86 -20.98
C ILE A 206 22.69 15.24 -20.75
N ARG A 207 23.31 14.69 -19.70
CA ARG A 207 24.74 14.85 -19.40
C ARG A 207 25.64 14.66 -20.60
N ALA A 208 25.39 13.58 -21.34
CA ALA A 208 26.21 13.21 -22.49
C ALA A 208 26.04 14.21 -23.62
N VAL A 209 24.80 14.59 -23.89
CA VAL A 209 24.52 15.51 -24.97
C VAL A 209 24.95 16.93 -24.60
N GLU A 210 24.91 17.24 -23.31
CA GLU A 210 25.44 18.51 -22.83
C GLU A 210 26.93 18.66 -23.14
N LYS A 211 27.72 17.61 -22.89
CA LYS A 211 29.18 17.66 -23.15
C LYS A 211 29.48 18.09 -24.57
N GLY A 212 28.72 17.56 -25.52
CA GLY A 212 28.83 17.93 -26.94
C GLY A 212 28.66 16.69 -27.78
N LEU A 213 28.35 16.87 -29.07
CA LEU A 213 28.16 15.73 -29.96
C LEU A 213 29.01 15.88 -31.21
N PRO A 214 29.77 14.84 -31.55
CA PRO A 214 30.46 14.79 -32.82
C PRO A 214 29.57 14.22 -33.91
N ASP A 215 29.89 14.54 -35.16
CA ASP A 215 29.19 13.96 -36.29
C ASP A 215 29.43 12.45 -36.27
N LEU A 216 28.50 11.72 -36.88
CA LEU A 216 28.47 10.27 -36.76
C LEU A 216 28.62 9.65 -38.12
N SER A 217 29.42 8.59 -38.17
CA SER A 217 29.67 7.85 -39.40
C SER A 217 28.48 6.96 -39.71
N VAL A 218 27.77 7.26 -40.79
CA VAL A 218 26.59 6.47 -41.14
C VAL A 218 26.82 5.53 -42.34
N SER A 219 28.03 5.54 -42.90
CA SER A 219 28.45 4.50 -43.85
C SER A 219 29.79 3.89 -43.49
N ARG A 220 30.05 2.73 -44.08
CA ARG A 220 31.35 2.10 -44.03
C ARG A 220 31.76 1.62 -45.43
N ALA A 221 33.06 1.50 -45.65
CA ALA A 221 33.60 0.93 -46.88
C ALA A 221 33.10 -0.51 -47.00
N ARG A 222 32.74 -0.92 -48.21
CA ARG A 222 32.00 -2.18 -48.40
C ARG A 222 32.79 -3.42 -48.02
N ALA A 223 34.10 -3.39 -48.24
CA ALA A 223 34.94 -4.54 -47.94
C ALA A 223 34.95 -4.83 -46.44
N THR A 224 35.06 -3.78 -45.64
CA THR A 224 35.07 -3.91 -44.18
C THR A 224 33.87 -4.67 -43.65
N LEU A 225 32.72 -4.47 -44.29
CA LEU A 225 31.45 -5.15 -43.94
C LEU A 225 31.25 -6.48 -44.65
N HIS A 226 32.29 -6.96 -45.34
CA HIS A 226 32.18 -8.19 -46.14
C HIS A 226 30.91 -8.16 -46.97
N ASN A 227 30.61 -6.97 -47.49
CA ASN A 227 29.44 -6.75 -48.35
C ASN A 227 28.10 -7.25 -47.78
N TRP A 228 28.02 -7.36 -46.45
CA TRP A 228 26.82 -7.86 -45.79
C TRP A 228 26.10 -6.70 -45.08
N ALA A 229 25.49 -5.87 -45.91
CA ALA A 229 24.85 -4.63 -45.48
C ALA A 229 24.01 -4.08 -46.63
N ILE A 230 23.47 -2.88 -46.46
CA ILE A 230 22.67 -2.23 -47.48
C ILE A 230 23.52 -1.16 -48.20
N PRO A 231 23.66 -1.28 -49.53
CA PRO A 231 24.49 -0.27 -50.20
C PRO A 231 23.94 1.13 -49.98
N VAL A 232 24.81 2.10 -49.78
CA VAL A 232 24.41 3.49 -49.75
C VAL A 232 23.80 3.85 -51.12
N PRO A 233 22.59 4.43 -51.13
CA PRO A 233 22.01 4.83 -52.41
C PRO A 233 22.93 5.80 -53.11
N GLY A 234 23.19 5.55 -54.39
CA GLY A 234 24.06 6.41 -55.18
C GLY A 234 25.55 6.20 -54.98
N ASN A 235 25.96 5.32 -54.06
CA ASN A 235 27.38 5.01 -53.86
C ASN A 235 27.62 3.55 -53.48
N PRO A 236 27.80 2.69 -54.49
CA PRO A 236 27.98 1.25 -54.29
C PRO A 236 29.24 0.85 -53.52
N ASP A 237 30.21 1.76 -53.39
CA ASP A 237 31.41 1.47 -52.58
C ASP A 237 31.14 1.50 -51.07
N HIS A 238 30.02 2.10 -50.67
CA HIS A 238 29.70 2.25 -49.24
C HIS A 238 28.47 1.44 -48.86
N CAS A 239 28.44 0.98 -47.62
CA CAS A 239 27.25 0.35 -47.07
CB CAS A 239 27.51 -1.02 -46.45
C CAS A 239 26.76 1.22 -45.96
O CAS A 239 27.52 1.97 -45.37
SG CAS A 239 28.56 -2.09 -47.40
AS CAS A 239 27.18 -2.43 -49.04
CE1 CAS A 239 28.12 -2.34 -50.80
CE2 CAS A 239 26.48 -4.28 -48.94
N VAL A 240 25.46 1.13 -45.67
CA VAL A 240 24.83 1.91 -44.60
C VAL A 240 25.12 1.30 -43.22
N TYR A 241 25.54 2.16 -42.30
CA TYR A 241 25.81 1.78 -40.90
C TYR A 241 24.71 0.86 -40.36
N VAL A 242 25.11 -0.30 -39.83
CA VAL A 242 24.17 -1.29 -39.34
C VAL A 242 23.16 -0.69 -38.37
N TRP A 243 23.54 0.31 -37.58
CA TRP A 243 22.61 0.93 -36.64
C TRP A 243 21.57 1.84 -37.30
N LEU A 244 21.97 2.60 -38.32
CA LEU A 244 20.99 3.40 -39.05
C LEU A 244 19.96 2.47 -39.71
N ASP A 245 20.47 1.41 -40.33
CA ASP A 245 19.66 0.33 -40.86
C ASP A 245 18.77 -0.30 -39.76
N ALA A 246 19.34 -0.64 -38.60
CA ALA A 246 18.56 -1.33 -37.55
C ALA A 246 17.47 -0.45 -36.92
N LEU A 247 17.78 0.82 -36.69
CA LEU A 247 16.79 1.71 -36.04
C LEU A 247 15.61 1.92 -36.97
N THR A 248 15.89 1.86 -38.27
CA THR A 248 14.85 2.06 -39.24
C THR A 248 13.79 0.97 -39.15
N ASN A 249 14.07 -0.17 -38.52
CA ASN A 249 13.06 -1.24 -38.37
C ASN A 249 11.80 -0.76 -37.72
N TYR A 250 11.92 0.23 -36.83
CA TYR A 250 10.75 0.74 -36.15
C TYR A 250 9.83 1.40 -37.19
N LEU A 251 10.42 2.23 -38.04
CA LEU A 251 9.68 2.88 -39.14
C LEU A 251 9.09 1.85 -40.10
N THR A 252 9.94 0.93 -40.55
CA THR A 252 9.51 -0.13 -41.44
C THR A 252 8.30 -0.86 -40.85
N GLY A 253 8.40 -1.24 -39.58
CA GLY A 253 7.34 -1.97 -38.91
C GLY A 253 6.04 -1.19 -38.89
N SER A 254 6.15 0.13 -38.71
CA SER A 254 4.96 0.98 -38.67
C SER A 254 4.27 1.04 -40.04
N ARG A 255 4.98 0.64 -41.10
CA ARG A 255 4.47 0.74 -42.46
C ARG A 255 4.11 -0.60 -43.14
N LEU A 256 4.11 -1.71 -42.40
CA LEU A 256 3.83 -3.01 -43.00
C LEU A 256 2.43 -3.50 -42.66
N ARG A 257 1.62 -3.78 -43.69
CA ARG A 257 0.37 -4.51 -43.53
C ARG A 257 0.68 -5.99 -43.42
N VAL A 258 0.17 -6.63 -42.37
CA VAL A 258 0.48 -8.01 -42.02
C VAL A 258 -0.78 -8.88 -42.15
N ASP A 259 -0.66 -10.03 -42.84
CA ASP A 259 -1.77 -10.99 -42.99
C ASP A 259 -1.95 -11.79 -41.70
N GLU A 260 -2.99 -12.63 -41.67
CA GLU A 260 -3.32 -13.38 -40.45
C GLU A 260 -2.22 -14.37 -40.05
N SER A 261 -1.48 -14.85 -41.03
CA SER A 261 -0.37 -15.78 -40.80
C SER A 261 0.86 -15.11 -40.12
N GLY A 262 0.88 -13.78 -40.10
CA GLY A 262 2.00 -13.04 -39.51
C GLY A 262 3.03 -12.65 -40.55
N LYS A 263 2.62 -12.69 -41.81
CA LYS A 263 3.53 -12.40 -42.92
C LYS A 263 3.23 -10.99 -43.44
N GLU A 264 4.31 -10.22 -43.67
CA GLU A 264 4.22 -8.93 -44.34
C GLU A 264 3.70 -9.11 -45.76
N VAL A 265 2.72 -8.31 -46.16
CA VAL A 265 2.20 -8.41 -47.52
C VAL A 265 2.22 -7.08 -48.28
N SER A 266 2.63 -5.98 -47.63
CA SER A 266 2.50 -4.67 -48.25
C SER A 266 3.25 -3.63 -47.43
N LEU A 267 3.95 -2.74 -48.12
CA LEU A 267 4.61 -1.60 -47.48
C LEU A 267 3.90 -0.35 -47.96
N VAL A 268 3.30 0.38 -47.04
CA VAL A 268 2.60 1.63 -47.39
C VAL A 268 3.57 2.80 -47.53
N ASP A 269 3.21 3.78 -48.35
CA ASP A 269 4.11 4.89 -48.68
C ASP A 269 4.33 5.87 -47.54
N ASP A 270 3.32 5.98 -46.69
CA ASP A 270 3.22 7.03 -45.69
C ASP A 270 2.87 6.32 -44.37
N PHE A 271 3.62 6.58 -43.29
CA PHE A 271 3.32 5.95 -41.99
C PHE A 271 1.90 6.22 -41.45
N ASN A 272 1.34 7.39 -41.74
CA ASN A 272 -0.01 7.73 -41.28
C ASN A 272 -1.07 6.73 -41.70
N GLU A 273 -0.82 6.06 -42.82
CA GLU A 273 -1.80 5.11 -43.36
C GLU A 273 -2.20 4.11 -42.28
N LEU A 274 -1.20 3.63 -41.52
CA LEU A 274 -1.41 2.61 -40.49
C LEU A 274 -1.52 3.15 -39.04
N GLU A 275 -1.18 4.41 -38.84
CA GLU A 275 -1.43 5.12 -37.57
C GLU A 275 -0.64 4.51 -36.40
N ARG A 276 0.55 3.99 -36.68
CA ARG A 276 1.39 3.41 -35.65
C ARG A 276 2.52 4.33 -35.24
N PHE A 277 3.17 4.95 -36.23
CA PHE A 277 4.39 5.73 -35.97
C PHE A 277 4.02 7.09 -35.39
N PRO A 278 4.79 7.59 -34.43
CA PRO A 278 5.99 7.06 -33.79
C PRO A 278 5.66 6.13 -32.63
N ALA A 279 6.66 5.36 -32.21
CA ALA A 279 6.48 4.41 -31.14
C ALA A 279 6.11 5.12 -29.86
N ASP A 280 5.12 4.58 -29.18
CA ASP A 280 4.71 5.13 -27.91
C ASP A 280 5.69 4.68 -26.84
N VAL A 281 6.22 3.46 -26.99
CA VAL A 281 7.30 2.96 -26.15
C VAL A 281 8.33 2.11 -26.92
N HIS A 282 9.58 2.55 -26.93
CA HIS A 282 10.69 1.68 -27.33
C HIS A 282 11.24 1.04 -26.06
N VAL A 283 10.99 -0.26 -25.86
CA VAL A 283 11.67 -1.03 -24.83
C VAL A 283 13.10 -1.33 -25.29
N ILE A 284 14.08 -1.06 -24.42
CA ILE A 284 15.47 -1.45 -24.69
C ILE A 284 16.26 -1.84 -23.45
N GLY A 285 17.46 -2.36 -23.70
CA GLY A 285 18.47 -2.54 -22.66
C GLY A 285 19.36 -1.31 -22.55
N LYS A 286 19.92 -1.10 -21.36
CA LYS A 286 20.74 0.09 -21.09
C LYS A 286 21.96 0.15 -21.98
N ASP A 287 22.41 -1.00 -22.47
CA ASP A 287 23.57 -1.07 -23.35
C ASP A 287 23.38 -0.35 -24.66
N ILE A 288 22.14 -0.12 -25.09
CA ILE A 288 21.89 0.54 -26.37
C ILE A 288 21.13 1.87 -26.27
N LEU A 289 21.33 2.56 -25.16
CA LEU A 289 20.65 3.83 -24.92
C LEU A 289 21.03 4.95 -25.92
N LYS A 290 22.33 5.10 -26.22
CA LYS A 290 22.77 6.23 -27.05
C LYS A 290 22.13 6.19 -28.43
N PHE A 291 22.02 4.98 -28.97
CA PHE A 291 21.45 4.77 -30.31
C PHE A 291 19.99 5.24 -30.34
N HIS A 292 19.23 4.85 -29.31
CA HIS A 292 17.82 5.17 -29.24
C HIS A 292 17.48 6.57 -28.78
N ALA A 293 18.26 7.11 -27.84
CA ALA A 293 17.93 8.38 -27.19
C ALA A 293 18.68 9.56 -27.78
N ILE A 294 19.77 9.30 -28.51
CA ILE A 294 20.52 10.36 -29.18
C ILE A 294 20.45 10.24 -30.70
N TYR A 295 20.85 9.11 -31.27
CA TYR A 295 20.98 9.05 -32.74
C TYR A 295 19.62 9.06 -33.43
N TRP A 296 18.74 8.24 -32.91
CA TRP A 296 17.44 7.99 -33.48
C TRP A 296 16.61 9.26 -33.55
N PRO A 297 16.38 9.95 -32.41
CA PRO A 297 15.63 11.20 -32.54
C PRO A 297 16.33 12.20 -33.43
N ALA A 298 17.67 12.13 -33.52
CA ALA A 298 18.41 13.01 -34.41
C ALA A 298 18.08 12.71 -35.87
N PHE A 299 18.09 11.43 -36.26
CA PHE A 299 17.72 11.06 -37.66
C PHE A 299 16.28 11.51 -37.95
N LEU A 300 15.38 11.25 -37.01
CA LEU A 300 13.98 11.61 -37.17
C LEU A 300 13.80 13.11 -37.30
N LEU A 301 14.52 13.89 -36.51
CA LEU A 301 14.44 15.35 -36.64
C LEU A 301 14.89 15.80 -38.02
N SER A 302 16.04 15.30 -38.47
CA SER A 302 16.55 15.61 -39.82
C SER A 302 15.54 15.24 -40.92
N ALA A 303 15.02 14.02 -40.81
CA ALA A 303 14.06 13.51 -41.79
C ALA A 303 12.71 14.20 -41.74
N GLY A 304 12.40 14.86 -40.62
CA GLY A 304 11.12 15.51 -40.49
C GLY A 304 10.05 14.53 -40.04
N LEU A 305 10.46 13.54 -39.26
CA LEU A 305 9.56 12.51 -38.73
C LEU A 305 9.25 12.77 -37.25
N PRO A 306 8.09 12.26 -36.77
CA PRO A 306 7.77 12.48 -35.35
C PRO A 306 8.63 11.62 -34.43
N LEU A 307 8.88 12.11 -33.21
CA LEU A 307 9.77 11.39 -32.29
C LEU A 307 8.97 10.47 -31.40
N PRO A 308 9.62 9.40 -30.88
CA PRO A 308 8.92 8.51 -29.97
C PRO A 308 8.47 9.21 -28.68
N LYS A 309 7.51 8.62 -28.00
CA LYS A 309 6.95 9.20 -26.77
C LYS A 309 7.78 8.83 -25.55
N LYS A 310 8.21 7.58 -25.49
CA LYS A 310 8.99 7.04 -24.39
C LYS A 310 10.04 6.06 -24.90
N ILE A 311 11.21 6.12 -24.27
CA ILE A 311 12.21 5.06 -24.32
C ILE A 311 12.41 4.54 -22.89
N VAL A 312 12.14 3.26 -22.66
CA VAL A 312 12.36 2.68 -21.33
C VAL A 312 13.53 1.71 -21.40
N ALA A 313 14.53 1.91 -20.55
CA ALA A 313 15.74 1.11 -20.61
C ALA A 313 15.90 0.32 -19.34
N HIS A 314 15.99 -1.01 -19.47
CA HIS A 314 16.13 -1.89 -18.30
C HIS A 314 17.60 -2.27 -18.09
N GLY A 315 17.88 -2.98 -16.99
CA GLY A 315 19.23 -3.50 -16.70
C GLY A 315 19.54 -4.91 -17.20
N TRP A 316 20.71 -5.40 -16.79
CA TRP A 316 21.23 -6.72 -17.19
C TRP A 316 20.95 -7.77 -16.10
N TRP A 317 20.90 -9.04 -16.51
CA TRP A 317 20.64 -10.15 -15.57
C TRP A 317 21.94 -10.86 -15.11
N THR A 318 21.88 -11.40 -13.90
CA THR A 318 22.90 -12.31 -13.38
C THR A 318 22.17 -13.53 -12.80
N LYS A 319 22.81 -14.71 -12.87
CA LYS A 319 22.30 -15.90 -12.20
C LYS A 319 23.26 -16.30 -11.08
N ASP A 320 22.76 -16.30 -9.85
CA ASP A 320 23.56 -16.59 -8.64
C ASP A 320 24.72 -15.62 -8.48
N ARG A 321 24.46 -14.34 -8.77
CA ARG A 321 25.44 -13.25 -8.64
C ARG A 321 26.67 -13.41 -9.54
N LYS A 322 26.52 -14.05 -10.71
CA LYS A 322 27.59 -14.14 -11.70
C LYS A 322 27.05 -13.88 -13.11
N LYS A 323 27.97 -13.74 -14.05
CA LYS A 323 27.63 -13.56 -15.47
C LYS A 323 26.94 -14.81 -16.02
N ILE A 324 26.00 -14.61 -16.94
CA ILE A 324 25.43 -15.74 -17.71
C ILE A 324 26.38 -16.03 -18.87
N SER A 325 26.86 -17.28 -18.96
CA SER A 325 27.83 -17.67 -19.98
C SER A 325 27.95 -19.20 -20.05
N LYS A 326 27.92 -19.73 -21.27
CA LYS A 326 27.99 -21.18 -21.50
C LYS A 326 29.33 -21.75 -21.06
N SER A 327 30.42 -21.09 -21.47
CA SER A 327 31.78 -21.54 -21.18
C SER A 327 32.18 -21.38 -19.70
N LEU A 328 31.72 -20.31 -19.05
CA LEU A 328 31.99 -20.10 -17.61
C LEU A 328 31.13 -20.98 -16.70
N GLY A 329 30.20 -21.75 -17.28
CA GLY A 329 29.42 -22.70 -16.51
C GLY A 329 28.45 -21.99 -15.61
N ASN A 330 27.59 -21.18 -16.21
CA ASN A 330 26.47 -20.55 -15.53
C ASN A 330 25.41 -20.14 -16.56
N VAL A 331 24.51 -21.07 -16.86
CA VAL A 331 23.49 -20.84 -17.88
C VAL A 331 22.18 -20.49 -17.19
N PHE A 332 21.31 -19.79 -17.91
CA PHE A 332 19.91 -19.60 -17.53
C PHE A 332 19.06 -19.69 -18.79
N ASP A 333 18.36 -20.80 -18.94
CA ASP A 333 17.57 -21.06 -20.14
C ASP A 333 16.09 -20.80 -19.84
N PRO A 334 15.50 -19.80 -20.52
CA PRO A 334 14.13 -19.43 -20.18
C PRO A 334 13.13 -20.55 -20.45
N VAL A 335 13.25 -21.20 -21.60
CA VAL A 335 12.37 -22.30 -21.93
C VAL A 335 12.50 -23.46 -20.92
N GLU A 336 13.73 -23.79 -20.55
CA GLU A 336 13.99 -24.86 -19.57
C GLU A 336 13.31 -24.55 -18.25
N LYS A 337 13.49 -23.32 -17.75
CA LYS A 337 12.90 -22.91 -16.49
C LYS A 337 11.38 -22.76 -16.57
N ALA A 338 10.85 -22.46 -17.76
CA ALA A 338 9.41 -22.39 -17.94
C ALA A 338 8.78 -23.78 -17.87
N GLU A 339 9.42 -24.76 -18.50
CA GLU A 339 8.95 -26.14 -18.43
C GLU A 339 8.97 -26.64 -16.98
N GLU A 340 9.98 -26.21 -16.23
CA GLU A 340 10.16 -26.64 -14.85
C GLU A 340 9.20 -25.95 -13.87
N PHE A 341 9.04 -24.64 -14.00
CA PHE A 341 8.26 -23.88 -13.03
C PHE A 341 6.95 -23.36 -13.60
N GLY A 342 6.83 -23.35 -14.93
CA GLY A 342 5.66 -22.78 -15.59
C GLY A 342 6.02 -21.47 -16.28
N TYR A 343 5.35 -21.22 -17.41
CA TYR A 343 5.59 -20.02 -18.19
C TYR A 343 5.12 -18.74 -17.50
N ASP A 344 3.87 -18.67 -17.11
CA ASP A 344 3.39 -17.49 -16.40
C ASP A 344 4.19 -17.19 -15.12
N ALA A 345 4.57 -18.23 -14.39
CA ALA A 345 5.34 -18.06 -13.15
C ALA A 345 6.71 -17.43 -13.41
N LEU A 346 7.46 -18.00 -14.35
CA LEU A 346 8.75 -17.45 -14.76
C LEU A 346 8.66 -16.00 -15.22
N LYS A 347 7.63 -15.69 -16.01
CA LYS A 347 7.37 -14.34 -16.44
C LYS A 347 7.10 -13.44 -15.25
N TYR A 348 6.28 -13.92 -14.32
CA TYR A 348 5.99 -13.17 -13.10
C TYR A 348 7.31 -12.83 -12.40
N PHE A 349 8.11 -13.85 -12.20
CA PHE A 349 9.38 -13.69 -11.51
C PHE A 349 10.28 -12.64 -12.18
N LEU A 350 10.49 -12.74 -13.50
CA LEU A 350 11.41 -11.83 -14.18
C LEU A 350 10.87 -10.40 -14.09
N LEU A 351 9.55 -10.27 -14.05
CA LEU A 351 8.93 -8.96 -13.99
C LEU A 351 8.80 -8.44 -12.56
N ARG A 352 8.71 -9.35 -11.60
CA ARG A 352 8.59 -8.98 -10.19
C ARG A 352 9.94 -8.75 -9.54
N GLU A 353 10.91 -9.60 -9.84
CA GLU A 353 12.16 -9.67 -9.06
C GLU A 353 13.05 -8.47 -9.27
N SER A 354 12.90 -7.81 -10.42
CA SER A 354 13.68 -6.63 -10.70
C SER A 354 12.93 -5.51 -11.41
N GLY A 355 13.24 -4.30 -10.97
CA GLY A 355 12.81 -3.10 -11.65
C GLY A 355 13.83 -2.72 -12.69
N PHE A 356 13.50 -1.71 -13.49
CA PHE A 356 14.28 -1.36 -14.67
C PHE A 356 15.60 -0.67 -14.29
N SER A 357 15.69 -0.13 -13.08
CA SER A 357 16.94 0.50 -12.62
C SER A 357 17.97 -0.55 -12.16
N ASP A 358 17.52 -1.77 -11.88
CA ASP A 358 18.35 -2.75 -11.19
C ASP A 358 18.88 -3.83 -12.13
N ASP A 359 20.07 -4.34 -11.83
CA ASP A 359 20.55 -5.60 -12.37
C ASP A 359 20.14 -6.71 -11.40
N GLY A 360 18.98 -7.32 -11.66
CA GLY A 360 18.38 -8.28 -10.73
C GLY A 360 19.12 -9.61 -10.62
N ASP A 361 18.58 -10.55 -9.82
CA ASP A 361 19.20 -11.86 -9.68
C ASP A 361 18.23 -13.06 -9.62
N TYR A 362 18.36 -13.96 -10.61
CA TYR A 362 17.70 -15.26 -10.55
C TYR A 362 18.47 -16.26 -9.68
N SER A 363 17.76 -16.90 -8.75
CA SER A 363 18.24 -18.14 -8.14
C SER A 363 17.05 -19.06 -8.03
N ASP A 364 17.29 -20.36 -8.06
CA ASP A 364 16.20 -21.33 -7.90
C ASP A 364 15.48 -21.10 -6.56
N LYS A 365 16.25 -20.87 -5.50
CA LYS A 365 15.71 -20.59 -4.18
C LYS A 365 14.72 -19.44 -4.23
N ASN A 366 15.18 -18.32 -4.75
CA ASN A 366 14.36 -17.12 -4.76
C ASN A 366 13.19 -17.20 -5.76
N MET A 367 13.37 -17.99 -6.82
CA MET A 367 12.29 -18.25 -7.76
C MET A 367 11.18 -19.04 -7.05
N ILE A 368 11.57 -20.08 -6.35
CA ILE A 368 10.61 -20.92 -5.62
C ILE A 368 9.95 -20.12 -4.48
N ALA A 369 10.71 -19.24 -3.84
CA ALA A 369 10.18 -18.37 -2.79
C ALA A 369 9.01 -17.53 -3.28
N ARG A 370 9.18 -16.89 -4.43
CA ARG A 370 8.11 -16.08 -5.03
C ARG A 370 6.95 -16.91 -5.56
N LEU A 371 7.24 -18.04 -6.19
CA LEU A 371 6.20 -18.89 -6.73
C LEU A 371 5.31 -19.36 -5.58
N ASN A 372 5.93 -19.96 -4.55
CA ASN A 372 5.20 -20.38 -3.34
C ASN A 372 4.58 -19.21 -2.56
N GLY A 373 5.40 -18.23 -2.22
CA GLY A 373 4.96 -17.07 -1.48
C GLY A 373 3.85 -16.31 -2.16
N GLU A 374 4.15 -15.68 -3.29
CA GLU A 374 3.19 -14.81 -3.93
C GLU A 374 2.16 -15.57 -4.75
N LEU A 375 2.59 -16.46 -5.63
CA LEU A 375 1.65 -17.04 -6.57
C LEU A 375 0.76 -18.10 -5.95
N ALA A 376 1.36 -19.01 -5.19
CA ALA A 376 0.61 -20.11 -4.62
C ALA A 376 -0.19 -19.70 -3.37
N ASP A 377 0.48 -19.13 -2.37
CA ASP A 377 -0.18 -18.78 -1.09
C ASP A 377 -1.07 -17.56 -1.19
N THR A 378 -0.53 -16.46 -1.69
CA THR A 378 -1.29 -15.22 -1.72
C THR A 378 -2.42 -15.25 -2.74
N LEU A 379 -2.10 -15.53 -4.00
CA LEU A 379 -3.11 -15.54 -5.08
C LEU A 379 -3.80 -16.92 -5.21
N GLY A 380 -3.01 -17.95 -5.40
CA GLY A 380 -3.54 -19.28 -5.67
C GLY A 380 -4.54 -19.74 -4.65
N ASN A 381 -4.22 -19.57 -3.37
CA ASN A 381 -5.07 -20.08 -2.31
C ASN A 381 -6.38 -19.30 -2.19
N LEU A 382 -6.27 -17.99 -2.36
CA LEU A 382 -7.42 -17.12 -2.32
C LEU A 382 -8.44 -17.50 -3.39
N VAL A 383 -7.96 -17.86 -4.56
CA VAL A 383 -8.82 -18.22 -5.68
C VAL A 383 -9.54 -19.52 -5.40
N MET A 384 -8.82 -20.49 -4.85
CA MET A 384 -9.39 -21.80 -4.56
C MET A 384 -10.47 -21.72 -3.46
N ARG A 385 -10.18 -20.96 -2.42
CA ARG A 385 -11.10 -20.85 -1.28
C ARG A 385 -12.41 -20.22 -1.65
N CYS A 386 -12.36 -19.04 -2.26
CA CYS A 386 -13.57 -18.29 -2.60
C CYS A 386 -14.39 -18.96 -3.69
N THR A 387 -13.84 -19.99 -4.33
CA THR A 387 -14.56 -20.81 -5.29
C THR A 387 -14.88 -22.21 -4.78
N SER A 388 -14.43 -22.54 -3.57
CA SER A 388 -14.61 -23.90 -3.05
C SER A 388 -16.06 -24.19 -2.72
N ALA A 389 -16.44 -25.46 -2.77
CA ALA A 389 -17.80 -25.88 -2.41
C ALA A 389 -18.03 -25.76 -0.91
N LYS A 390 -16.95 -25.83 -0.15
CA LYS A 390 -16.99 -25.63 1.29
C LYS A 390 -17.46 -24.22 1.67
N ILE A 391 -16.94 -23.20 0.99
CA ILE A 391 -17.27 -21.80 1.31
C ILE A 391 -18.38 -21.26 0.43
N ASN A 392 -18.22 -21.42 -0.88
CA ASN A 392 -19.22 -21.00 -1.85
C ASN A 392 -20.14 -22.20 -2.13
N VAL A 393 -21.07 -22.44 -1.21
CA VAL A 393 -21.89 -23.66 -1.26
C VAL A 393 -22.80 -23.73 -2.48
N ASN A 394 -23.23 -22.58 -2.99
CA ASN A 394 -24.11 -22.55 -4.14
C ASN A 394 -23.36 -22.37 -5.46
N GLY A 395 -22.04 -22.19 -5.38
CA GLY A 395 -21.21 -22.09 -6.56
C GLY A 395 -21.64 -20.94 -7.45
N GLU A 396 -21.79 -19.77 -6.83
CA GLU A 396 -22.14 -18.57 -7.57
C GLU A 396 -21.59 -17.35 -6.87
N TRP A 397 -21.67 -16.20 -7.56
CA TRP A 397 -21.41 -14.91 -6.98
C TRP A 397 -22.63 -14.52 -6.16
N PRO A 398 -22.50 -14.47 -4.81
CA PRO A 398 -23.65 -14.13 -4.00
C PRO A 398 -23.98 -12.65 -4.08
N SER A 399 -25.17 -12.31 -3.62
CA SER A 399 -25.61 -10.93 -3.52
C SER A 399 -25.18 -10.34 -2.15
N PRO A 400 -24.39 -9.25 -2.15
CA PRO A 400 -23.97 -8.70 -0.87
C PRO A 400 -25.11 -8.11 -0.06
N ALA A 401 -25.02 -8.29 1.26
CA ALA A 401 -25.80 -7.51 2.21
C ALA A 401 -25.06 -6.20 2.51
N ALA A 402 -25.47 -5.52 3.58
CA ALA A 402 -24.87 -4.24 3.97
C ALA A 402 -23.40 -4.39 4.36
N TYR A 403 -22.64 -3.36 4.00
CA TYR A 403 -21.21 -3.36 4.19
C TYR A 403 -20.86 -2.73 5.54
N THR A 404 -20.00 -3.41 6.29
CA THR A 404 -19.36 -2.81 7.46
C THR A 404 -18.26 -1.87 7.00
N GLU A 405 -17.80 -1.00 7.90
CA GLU A 405 -16.64 -0.14 7.62
C GLU A 405 -15.39 -0.93 7.18
N GLU A 406 -15.11 -2.04 7.86
CA GLU A 406 -14.01 -2.88 7.42
C GLU A 406 -14.22 -3.39 5.98
N ASP A 407 -15.44 -3.83 5.68
CA ASP A 407 -15.80 -4.21 4.32
C ASP A 407 -15.40 -3.12 3.37
N GLU A 408 -15.75 -1.89 3.72
CA GLU A 408 -15.53 -0.76 2.84
C GLU A 408 -14.09 -0.33 2.69
N SER A 409 -13.30 -0.46 3.75
CA SER A 409 -11.88 -0.15 3.66
C SER A 409 -11.29 -1.00 2.53
N LEU A 410 -11.65 -2.29 2.50
CA LEU A 410 -11.16 -3.20 1.47
C LEU A 410 -11.70 -2.84 0.07
N ILE A 411 -12.98 -2.46 0.02
CA ILE A 411 -13.62 -2.09 -1.24
C ILE A 411 -12.91 -0.88 -1.83
N GLN A 412 -12.53 0.06 -0.98
CA GLN A 412 -11.81 1.23 -1.45
C GLN A 412 -10.51 0.84 -2.09
N LEU A 413 -9.77 -0.05 -1.44
CA LEU A 413 -8.50 -0.51 -1.99
C LEU A 413 -8.68 -1.10 -3.40
N ILE A 414 -9.76 -1.85 -3.58
CA ILE A 414 -10.07 -2.46 -4.86
C ILE A 414 -10.51 -1.41 -5.88
N LYS A 415 -11.32 -0.46 -5.45
CA LYS A 415 -11.74 0.62 -6.33
C LYS A 415 -10.54 1.45 -6.78
N ASP A 416 -9.58 1.64 -5.89
CA ASP A 416 -8.43 2.47 -6.20
C ASP A 416 -7.38 1.76 -7.03
N LEU A 417 -7.37 0.43 -6.99
CA LEU A 417 -6.30 -0.34 -7.61
C LEU A 417 -6.06 -0.07 -9.12
N PRO A 418 -7.12 -0.06 -9.93
CA PRO A 418 -6.89 0.16 -11.36
C PRO A 418 -6.24 1.50 -11.69
N GLY A 419 -6.71 2.57 -11.04
CA GLY A 419 -6.12 3.88 -11.29
C GLY A 419 -4.62 3.90 -11.02
N THR A 420 -4.22 3.24 -9.94
CA THR A 420 -2.83 3.15 -9.51
C THR A 420 -2.03 2.24 -10.43
N ALA A 421 -2.58 1.06 -10.74
CA ALA A 421 -1.88 0.10 -11.57
C ALA A 421 -1.70 0.67 -12.99
N ASP A 422 -2.74 1.31 -13.49
CA ASP A 422 -2.71 2.02 -14.77
C ASP A 422 -1.53 2.97 -14.87
N HIS A 423 -1.43 3.90 -13.91
CA HIS A 423 -0.31 4.85 -13.92
C HIS A 423 1.05 4.15 -13.98
N TYR A 424 1.20 3.07 -13.20
CA TYR A 424 2.47 2.33 -13.19
C TYR A 424 2.76 1.67 -14.55
N TYR A 425 1.75 1.07 -15.18
CA TYR A 425 1.92 0.44 -16.50
C TYR A 425 2.28 1.47 -17.58
N LEU A 426 1.89 2.72 -17.38
CA LEU A 426 2.11 3.77 -18.36
C LEU A 426 3.44 4.46 -18.23
N ILE A 427 4.14 4.23 -17.11
CA ILE A 427 5.38 4.93 -16.87
C ILE A 427 6.42 4.62 -17.96
N PRO A 428 6.70 3.33 -18.21
CA PRO A 428 6.20 2.11 -17.57
C PRO A 428 7.11 1.57 -16.47
N ASP A 429 6.48 0.96 -15.46
CA ASP A 429 7.17 0.35 -14.35
C ASP A 429 6.33 -0.86 -13.97
N ILE A 430 6.61 -1.98 -14.63
CA ILE A 430 5.80 -3.20 -14.48
C ILE A 430 5.95 -3.78 -13.09
N GLN A 431 7.16 -3.73 -12.54
CA GLN A 431 7.37 -4.16 -11.17
C GLN A 431 6.40 -3.45 -10.20
N LYS A 432 6.32 -2.14 -10.30
CA LYS A 432 5.51 -1.40 -9.37
C LYS A 432 4.03 -1.76 -9.52
N ALA A 433 3.61 -2.02 -10.74
CA ALA A 433 2.24 -2.40 -11.01
C ALA A 433 1.92 -3.71 -10.34
N ILE A 434 2.85 -4.65 -10.41
CA ILE A 434 2.65 -5.96 -9.81
C ILE A 434 2.58 -5.84 -8.30
N ILE A 435 3.52 -5.10 -7.73
CA ILE A 435 3.54 -4.92 -6.30
C ILE A 435 2.19 -4.33 -5.87
N ALA A 436 1.72 -3.30 -6.58
CA ALA A 436 0.43 -2.67 -6.23
C ALA A 436 -0.70 -3.70 -6.18
N VAL A 437 -0.78 -4.56 -7.19
CA VAL A 437 -1.84 -5.57 -7.24
C VAL A 437 -1.71 -6.55 -6.07
N PHE A 438 -0.48 -6.92 -5.71
CA PHE A 438 -0.30 -7.88 -4.65
C PHE A 438 -0.48 -7.29 -3.25
N ASP A 439 -0.28 -5.98 -3.10
CA ASP A 439 -0.62 -5.31 -1.84
C ASP A 439 -2.11 -5.49 -1.64
N VAL A 440 -2.89 -5.31 -2.72
CA VAL A 440 -4.34 -5.49 -2.63
C VAL A 440 -4.71 -6.95 -2.35
N LEU A 441 -3.98 -7.89 -2.92
CA LEU A 441 -4.19 -9.31 -2.64
C LEU A 441 -3.87 -9.67 -1.19
N ARG A 442 -2.72 -9.23 -0.68
CA ARG A 442 -2.38 -9.42 0.73
C ARG A 442 -3.53 -8.91 1.63
N ALA A 443 -4.05 -7.74 1.30
CA ALA A 443 -5.17 -7.13 2.03
C ALA A 443 -6.45 -7.98 1.99
N ILE A 444 -6.74 -8.58 0.83
CA ILE A 444 -7.89 -9.44 0.72
C ILE A 444 -7.74 -10.67 1.62
N ASN A 445 -6.54 -11.25 1.67
CA ASN A 445 -6.28 -12.41 2.52
C ASN A 445 -6.46 -12.11 3.99
N ALA A 446 -6.02 -10.92 4.40
CA ALA A 446 -6.08 -10.51 5.81
C ALA A 446 -7.53 -10.21 6.23
N TYR A 447 -8.30 -9.67 5.29
CA TYR A 447 -9.73 -9.50 5.50
C TYR A 447 -10.38 -10.84 5.69
N VAL A 448 -10.00 -11.82 4.87
CA VAL A 448 -10.59 -13.15 4.93
C VAL A 448 -10.25 -13.85 6.25
N THR A 449 -8.99 -13.78 6.65
CA THR A 449 -8.58 -14.26 7.97
C THR A 449 -9.44 -13.68 9.08
N ASP A 450 -9.65 -12.36 9.06
CA ASP A 450 -10.46 -11.69 10.05
C ASP A 450 -11.89 -12.19 10.09
N MET A 451 -12.49 -12.37 8.91
CA MET A 451 -13.90 -12.74 8.82
C MET A 451 -14.15 -14.22 9.01
N ALA A 452 -13.13 -15.05 8.75
CA ALA A 452 -13.26 -16.50 8.90
C ALA A 452 -14.54 -17.00 8.22
N PRO A 453 -14.65 -16.79 6.91
CA PRO A 453 -15.83 -17.26 6.16
C PRO A 453 -16.18 -18.72 6.44
N TRP A 454 -15.17 -19.57 6.57
CA TRP A 454 -15.39 -20.97 6.98
C TRP A 454 -16.26 -21.09 8.25
N LYS A 455 -16.11 -20.19 9.22
CA LYS A 455 -17.03 -20.17 10.36
C LYS A 455 -18.40 -19.64 9.93
N LEU A 456 -18.41 -18.57 9.15
CA LEU A 456 -19.68 -17.94 8.75
C LEU A 456 -20.65 -18.89 8.05
N VAL A 457 -20.13 -19.89 7.32
CA VAL A 457 -20.97 -20.83 6.55
C VAL A 457 -22.02 -21.49 7.42
N LYS A 458 -21.62 -21.86 8.65
CA LYS A 458 -22.54 -22.38 9.66
C LYS A 458 -23.35 -21.30 10.40
N THR A 459 -22.68 -20.22 10.75
CA THR A 459 -23.16 -19.28 11.77
C THR A 459 -23.98 -18.13 11.21
N ASP A 460 -23.50 -17.53 10.13
CA ASP A 460 -24.15 -16.36 9.56
C ASP A 460 -24.03 -16.40 8.04
N PRO A 461 -24.95 -17.10 7.38
CA PRO A 461 -24.94 -17.13 5.93
C PRO A 461 -25.16 -15.75 5.32
N GLU A 462 -25.93 -14.88 5.98
CA GLU A 462 -26.21 -13.55 5.42
C GLU A 462 -24.96 -12.69 5.44
N ARG A 463 -24.18 -12.80 6.51
CA ARG A 463 -22.89 -12.13 6.57
C ARG A 463 -21.93 -12.73 5.53
N LEU A 464 -21.86 -14.05 5.44
CA LEU A 464 -21.03 -14.72 4.44
C LEU A 464 -21.25 -14.18 3.04
N ARG A 465 -22.50 -13.93 2.67
CA ARG A 465 -22.81 -13.38 1.35
C ARG A 465 -21.96 -12.16 1.02
N THR A 466 -21.83 -11.25 2.00
CA THR A 466 -21.11 -10.00 1.81
C THR A 466 -19.60 -10.27 1.72
N VAL A 467 -19.09 -11.02 2.69
CA VAL A 467 -17.66 -11.34 2.75
C VAL A 467 -17.23 -12.06 1.47
N LEU A 468 -17.99 -13.07 1.08
CA LEU A 468 -17.69 -13.84 -0.11
C LEU A 468 -17.77 -13.03 -1.41
N TYR A 469 -18.78 -12.19 -1.53
CA TYR A 469 -18.91 -11.34 -2.71
C TYR A 469 -17.74 -10.35 -2.83
N ILE A 470 -17.36 -9.70 -1.73
CA ILE A 470 -16.20 -8.80 -1.76
C ILE A 470 -14.95 -9.58 -2.19
N THR A 471 -14.77 -10.77 -1.64
CA THR A 471 -13.59 -11.56 -1.92
C THR A 471 -13.50 -11.96 -3.40
N LEU A 472 -14.62 -12.41 -3.96
CA LEU A 472 -14.68 -12.79 -5.37
C LEU A 472 -14.36 -11.62 -6.26
N GLU A 473 -14.90 -10.45 -5.92
CA GLU A 473 -14.69 -9.29 -6.75
C GLU A 473 -13.24 -8.81 -6.63
N GLY A 474 -12.71 -8.81 -5.41
CA GLY A 474 -11.31 -8.43 -5.21
C GLY A 474 -10.39 -9.30 -6.07
N VAL A 475 -10.65 -10.62 -6.05
CA VAL A 475 -9.91 -11.55 -6.90
C VAL A 475 -10.09 -11.24 -8.39
N ARG A 476 -11.31 -11.00 -8.83
CA ARG A 476 -11.56 -10.71 -10.23
C ARG A 476 -10.74 -9.49 -10.70
N VAL A 477 -10.81 -8.40 -9.94
CA VAL A 477 -10.15 -7.16 -10.32
C VAL A 477 -8.62 -7.28 -10.33
N THR A 478 -8.06 -7.88 -9.28
CA THR A 478 -6.62 -8.11 -9.22
C THR A 478 -6.18 -8.98 -10.38
N THR A 479 -6.94 -10.04 -10.65
CA THR A 479 -6.63 -10.96 -11.73
C THR A 479 -6.66 -10.23 -13.09
N LEU A 480 -7.68 -9.42 -13.32
CA LEU A 480 -7.75 -8.61 -14.54
C LEU A 480 -6.49 -7.80 -14.75
N LEU A 481 -6.11 -7.05 -13.72
CA LEU A 481 -4.93 -6.18 -13.82
C LEU A 481 -3.64 -6.97 -13.92
N LEU A 482 -3.63 -8.20 -13.41
CA LEU A 482 -2.49 -9.10 -13.61
C LEU A 482 -2.54 -9.89 -14.91
N SER A 483 -3.59 -9.77 -15.70
CA SER A 483 -3.70 -10.62 -16.90
C SER A 483 -2.58 -10.40 -17.90
N PRO A 484 -2.04 -9.17 -18.02
CA PRO A 484 -0.88 -9.01 -18.89
C PRO A 484 0.40 -9.71 -18.37
N ILE A 485 0.47 -9.99 -17.07
CA ILE A 485 1.59 -10.73 -16.47
C ILE A 485 1.34 -12.25 -16.49
N LEU A 486 0.10 -12.66 -16.24
CA LEU A 486 -0.25 -14.07 -16.17
C LEU A 486 -1.36 -14.35 -17.18
N PRO A 487 -1.04 -14.24 -18.47
CA PRO A 487 -2.03 -14.34 -19.55
C PRO A 487 -2.77 -15.66 -19.60
N ARG A 488 -2.11 -16.75 -19.24
CA ARG A 488 -2.74 -18.06 -19.26
C ARG A 488 -3.45 -18.34 -17.96
N LYS A 489 -2.82 -18.01 -16.83
CA LYS A 489 -3.41 -18.30 -15.53
C LYS A 489 -4.62 -17.44 -15.26
N SER A 490 -4.58 -16.18 -15.69
CA SER A 490 -5.72 -15.29 -15.55
C SER A 490 -6.96 -15.90 -16.22
N VAL A 491 -6.77 -16.49 -17.40
CA VAL A 491 -7.89 -17.15 -18.09
C VAL A 491 -8.46 -18.28 -17.25
N VAL A 492 -7.59 -19.09 -16.66
CA VAL A 492 -8.02 -20.14 -15.74
C VAL A 492 -8.77 -19.54 -14.56
N ILE A 493 -8.22 -18.48 -13.97
CA ILE A 493 -8.88 -17.87 -12.82
C ILE A 493 -10.26 -17.37 -13.21
N PHE A 494 -10.35 -16.64 -14.31
CA PHE A 494 -11.65 -16.17 -14.77
C PHE A 494 -12.63 -17.29 -15.07
N ASP A 495 -12.14 -18.41 -15.62
CA ASP A 495 -12.99 -19.60 -15.84
C ASP A 495 -13.56 -20.13 -14.53
N MET A 496 -12.74 -20.21 -13.49
CA MET A 496 -13.19 -20.71 -12.19
C MET A 496 -14.23 -19.77 -11.61
N LEU A 497 -13.95 -18.48 -11.71
CA LEU A 497 -14.88 -17.47 -11.24
C LEU A 497 -16.15 -17.42 -12.08
N GLY A 498 -16.09 -17.96 -13.29
CA GLY A 498 -17.23 -17.92 -14.20
C GLY A 498 -17.51 -16.53 -14.74
N VAL A 499 -16.46 -15.72 -14.84
CA VAL A 499 -16.55 -14.39 -15.44
C VAL A 499 -16.82 -14.50 -16.94
N PRO A 500 -17.94 -13.95 -17.41
CA PRO A 500 -18.18 -14.01 -18.86
C PRO A 500 -17.07 -13.33 -19.67
N GLU A 501 -16.81 -13.82 -20.88
CA GLU A 501 -15.72 -13.31 -21.72
C GLU A 501 -15.68 -11.79 -21.84
N VAL A 502 -16.86 -11.20 -22.06
CA VAL A 502 -17.01 -9.76 -22.25
C VAL A 502 -16.45 -8.93 -21.07
N HIS A 503 -16.46 -9.50 -19.87
CA HIS A 503 -15.98 -8.80 -18.68
C HIS A 503 -14.50 -9.06 -18.36
N ARG A 504 -13.78 -9.74 -19.25
CA ARG A 504 -12.35 -10.03 -19.05
C ARG A 504 -11.43 -8.97 -19.66
N LYS A 505 -12.03 -7.88 -20.15
CA LYS A 505 -11.34 -6.94 -20.97
C LYS A 505 -12.11 -5.62 -20.86
N GLY A 506 -11.45 -4.50 -21.10
CA GLY A 506 -12.13 -3.21 -21.17
C GLY A 506 -12.11 -2.42 -19.87
N ILE A 507 -11.92 -1.10 -19.99
CA ILE A 507 -11.84 -0.23 -18.81
C ILE A 507 -13.16 -0.21 -18.06
N GLU A 508 -14.24 -0.48 -18.78
CA GLU A 508 -15.54 -0.68 -18.14
C GLU A 508 -15.42 -1.68 -17.00
N ASN A 509 -14.65 -2.75 -17.22
CA ASN A 509 -14.58 -3.84 -16.25
C ASN A 509 -13.51 -3.71 -15.15
N PHE A 510 -12.80 -2.58 -15.16
CA PHE A 510 -11.99 -2.14 -14.02
C PHE A 510 -12.88 -1.65 -12.89
N GLU A 511 -14.13 -1.33 -13.19
CA GLU A 511 -15.10 -0.85 -12.20
C GLU A 511 -15.49 -1.95 -11.21
N PHE A 512 -15.58 -1.59 -9.92
CA PHE A 512 -16.04 -2.50 -8.87
C PHE A 512 -17.49 -2.87 -9.14
N GLY A 513 -17.78 -4.17 -9.13
CA GLY A 513 -19.14 -4.68 -9.30
C GLY A 513 -19.62 -4.97 -10.73
N ALA A 514 -18.68 -5.10 -11.67
CA ALA A 514 -19.02 -5.34 -13.06
C ALA A 514 -19.63 -6.72 -13.35
N VAL A 515 -19.40 -7.69 -12.49
CA VAL A 515 -20.01 -9.03 -12.61
C VAL A 515 -21.15 -9.15 -11.60
N PRO A 516 -22.35 -9.49 -12.08
CA PRO A 516 -23.52 -9.44 -11.20
C PRO A 516 -23.64 -10.64 -10.26
N PRO A 517 -24.23 -10.40 -9.07
CA PRO A 517 -24.58 -11.55 -8.25
C PRO A 517 -25.45 -12.49 -9.06
N GLY A 518 -25.36 -13.78 -8.76
CA GLY A 518 -26.09 -14.77 -9.53
C GLY A 518 -25.26 -15.41 -10.63
N THR A 519 -24.24 -14.72 -11.12
CA THR A 519 -23.28 -15.33 -12.04
C THR A 519 -22.76 -16.63 -11.45
N ARG A 520 -22.79 -17.71 -12.24
CA ARG A 520 -22.42 -19.03 -11.75
C ARG A 520 -20.92 -19.22 -11.91
N LEU A 521 -20.30 -19.92 -10.96
CA LEU A 521 -18.89 -20.28 -11.07
C LEU A 521 -18.71 -21.38 -12.10
N GLY A 522 -17.52 -21.45 -12.68
CA GLY A 522 -17.18 -22.48 -13.65
C GLY A 522 -17.04 -23.81 -12.96
N PRO A 523 -17.02 -24.90 -13.75
CA PRO A 523 -17.00 -26.22 -13.13
C PRO A 523 -15.64 -26.55 -12.54
N ALA A 524 -15.64 -27.35 -11.48
CA ALA A 524 -14.42 -27.74 -10.80
C ALA A 524 -13.86 -29.01 -11.42
N VAL A 525 -12.59 -29.31 -11.13
CA VAL A 525 -11.96 -30.57 -11.54
C VAL A 525 -11.40 -31.29 -10.31
N GLU A 526 -11.29 -32.62 -10.39
CA GLU A 526 -10.87 -33.46 -9.25
C GLU A 526 -9.72 -32.88 -8.42
N GLY A 527 -8.56 -32.68 -9.04
CA GLY A 527 -7.37 -32.26 -8.32
C GLY A 527 -6.78 -30.92 -8.72
N GLU A 528 -7.50 -30.13 -9.51
CA GLU A 528 -6.94 -28.92 -10.11
C GLU A 528 -6.32 -27.97 -9.06
N VAL A 529 -5.24 -27.31 -9.46
CA VAL A 529 -4.54 -26.30 -8.65
C VAL A 529 -3.89 -25.29 -9.60
N LEU A 530 -4.02 -23.99 -9.28
CA LEU A 530 -3.44 -22.92 -10.10
C LEU A 530 -1.91 -22.94 -10.14
N PHE A 531 -1.30 -22.80 -8.97
CA PHE A 531 0.14 -22.91 -8.83
C PHE A 531 0.39 -23.91 -7.71
N SER A 532 1.13 -24.97 -8.00
CA SER A 532 1.42 -25.96 -7.00
C SER A 532 2.75 -25.63 -6.33
N LYS A 533 2.74 -25.62 -5.00
CA LYS A 533 3.95 -25.48 -4.18
C LYS A 533 5.08 -26.36 -4.70
N ARG A 534 6.32 -25.92 -4.50
CA ARG A 534 7.50 -26.74 -4.80
C ARG A 534 8.47 -26.73 -3.62
N SER A 535 9.18 -27.84 -3.43
CA SER A 535 10.02 -28.02 -2.25
C SER A 535 11.27 -27.12 -2.25
N THR A 536 11.88 -26.97 -1.08
CA THR A 536 13.16 -26.26 -0.93
C THR A 536 14.24 -27.27 -0.52
N GLU A 537 15.51 -26.92 -0.73
CA GLU A 537 16.63 -27.80 -0.36
C GLU A 537 17.78 -26.99 0.27
N GLY B 1 -10.31 7.71 -3.91
CA GLY B 1 -11.79 7.88 -3.77
C GLY B 1 -12.14 8.66 -2.52
N PRO B 2 -13.35 9.23 -2.47
CA PRO B 2 -13.75 10.00 -1.28
C PRO B 2 -13.94 9.14 -0.03
N GLY B 3 -13.72 9.74 1.13
CA GLY B 3 -14.03 9.08 2.40
C GLY B 3 -15.50 9.23 2.75
N SER B 4 -15.87 8.82 3.96
CA SER B 4 -17.22 9.08 4.46
C SER B 4 -17.35 10.58 4.70
N MET B 5 -18.57 11.10 4.56
CA MET B 5 -18.78 12.52 4.81
C MET B 5 -18.86 12.71 6.31
N LYS B 6 -18.89 13.97 6.73
CA LYS B 6 -19.00 14.30 8.14
C LYS B 6 -20.30 13.73 8.72
N VAL B 7 -20.24 13.27 9.97
CA VAL B 7 -21.45 12.95 10.71
C VAL B 7 -22.18 14.25 11.02
N GLU B 8 -23.48 14.14 11.26
CA GLU B 8 -24.32 15.29 11.48
C GLU B 8 -24.46 15.61 12.98
N LYS B 9 -24.38 14.58 13.81
CA LYS B 9 -24.40 14.74 15.24
C LYS B 9 -23.04 15.23 15.75
N VAL B 10 -22.86 15.25 17.07
CA VAL B 10 -21.55 15.49 17.65
C VAL B 10 -20.96 14.13 17.88
N PHE B 11 -19.76 13.90 17.31
CA PHE B 11 -19.11 12.60 17.40
C PHE B 11 -18.70 12.36 18.83
N PHE B 12 -19.10 11.21 19.35
CA PHE B 12 -19.02 10.94 20.78
C PHE B 12 -18.20 9.66 20.96
N VAL B 13 -17.02 9.85 21.56
CA VAL B 13 -16.05 8.80 21.80
C VAL B 13 -15.66 8.82 23.28
N THR B 14 -15.67 7.63 23.87
CA THR B 14 -15.43 7.46 25.30
C THR B 14 -14.23 6.54 25.54
N SER B 15 -13.57 6.75 26.67
CA SER B 15 -12.67 5.76 27.23
C SER B 15 -13.44 5.08 28.34
N PRO B 16 -12.89 3.99 28.89
CA PRO B 16 -13.53 3.52 30.13
C PRO B 16 -13.31 4.56 31.21
N ILE B 17 -14.10 4.52 32.27
CA ILE B 17 -13.75 5.21 33.51
C ILE B 17 -12.95 4.25 34.39
N TYR B 18 -11.94 4.76 35.08
CA TYR B 18 -10.91 3.92 35.68
C TYR B 18 -11.04 3.82 37.19
N TYR B 19 -10.83 2.64 37.74
CA TYR B 19 -11.00 2.44 39.17
C TYR B 19 -9.90 3.09 40.01
N VAL B 20 -10.30 3.77 41.07
CA VAL B 20 -9.38 4.62 41.85
C VAL B 20 -8.74 3.92 43.05
N ASN B 21 -8.68 2.58 43.03
CA ASN B 21 -7.88 1.85 44.01
C ASN B 21 -6.45 1.60 43.52
N ALA B 22 -6.05 2.31 42.46
CA ALA B 22 -4.71 2.18 41.89
C ALA B 22 -4.35 3.48 41.22
N ALA B 23 -3.08 3.81 41.22
CA ALA B 23 -2.58 4.99 40.49
C ALA B 23 -2.66 4.74 38.97
N PRO B 24 -2.67 5.81 38.17
CA PRO B 24 -2.70 5.62 36.73
C PRO B 24 -1.52 4.76 36.23
N HIS B 25 -1.68 4.13 35.08
CA HIS B 25 -0.67 3.23 34.55
C HIS B 25 -0.86 3.07 33.03
N ILE B 26 -0.02 2.26 32.41
CA ILE B 26 0.00 2.13 30.96
C ILE B 26 -1.36 1.74 30.38
N GLY B 27 -2.03 0.75 30.96
CA GLY B 27 -3.38 0.38 30.55
C GLY B 27 -4.34 1.55 30.39
N HIS B 28 -4.52 2.32 31.45
CA HIS B 28 -5.40 3.49 31.40
C HIS B 28 -4.93 4.47 30.35
N VAL B 29 -3.63 4.71 30.34
CA VAL B 29 -3.03 5.68 29.42
C VAL B 29 -3.28 5.27 27.97
N TYR B 30 -3.13 3.96 27.70
CA TYR B 30 -3.32 3.40 26.38
C TYR B 30 -4.77 3.60 25.91
N SER B 31 -5.73 3.19 26.75
CA SER B 31 -7.13 3.35 26.40
C SER B 31 -7.51 4.79 26.16
N THR B 32 -7.05 5.69 27.01
CA THR B 32 -7.33 7.11 26.84
C THR B 32 -6.67 7.71 25.57
N LEU B 33 -5.47 7.23 25.19
CA LEU B 33 -4.79 7.69 23.96
C LEU B 33 -5.60 7.36 22.70
N ILE B 34 -6.15 6.16 22.68
CA ILE B 34 -6.98 5.70 21.56
C ILE B 34 -8.21 6.58 21.43
N THR B 35 -8.86 6.86 22.56
CA THR B 35 -10.00 7.76 22.65
C THR B 35 -9.61 9.13 22.13
N ASP B 36 -8.48 9.62 22.60
CA ASP B 36 -7.99 10.93 22.24
C ASP B 36 -7.78 11.03 20.75
N VAL B 37 -7.15 10.00 20.20
CA VAL B 37 -6.77 9.96 18.80
C VAL B 37 -7.98 9.98 17.90
N ILE B 38 -8.92 9.06 18.16
CA ILE B 38 -10.18 9.03 17.45
C ILE B 38 -10.81 10.42 17.51
N GLY B 39 -10.89 10.97 18.71
CA GLY B 39 -11.40 12.31 18.89
C GLY B 39 -10.72 13.30 17.94
N ARG B 40 -9.40 13.27 17.92
CA ARG B 40 -8.65 14.25 17.17
C ARG B 40 -8.91 14.07 15.68
N TYR B 41 -9.02 12.83 15.19
CA TYR B 41 -9.21 12.64 13.76
C TYR B 41 -10.49 13.34 13.33
N HIS B 42 -11.55 13.09 14.10
CA HIS B 42 -12.85 13.63 13.76
C HIS B 42 -12.89 15.14 13.95
N ARG B 43 -12.08 15.67 14.86
CA ARG B 43 -11.93 17.13 14.99
C ARG B 43 -11.22 17.69 13.74
N VAL B 44 -10.18 17.02 13.27
CA VAL B 44 -9.48 17.41 12.04
C VAL B 44 -10.38 17.26 10.79
N LYS B 45 -11.24 16.25 10.81
CA LYS B 45 -12.17 16.03 9.70
C LYS B 45 -13.14 17.16 9.62
N GLY B 46 -13.31 17.86 10.74
CA GLY B 46 -14.12 19.06 10.80
C GLY B 46 -15.49 18.79 11.37
N GLU B 47 -15.56 17.84 12.30
CA GLU B 47 -16.79 17.53 13.01
C GLU B 47 -16.74 18.10 14.41
N ARG B 48 -17.90 18.38 14.95
CA ARG B 48 -18.04 18.61 16.36
C ARG B 48 -17.73 17.29 17.04
N VAL B 49 -16.94 17.34 18.10
CA VAL B 49 -16.52 16.15 18.86
C VAL B 49 -16.73 16.32 20.36
N PHE B 50 -17.06 15.22 21.04
CA PHE B 50 -17.08 15.18 22.49
C PHE B 50 -16.39 13.90 22.95
N ALA B 51 -15.19 14.08 23.50
CA ALA B 51 -14.40 12.96 24.01
C ALA B 51 -14.47 12.92 25.53
N LEU B 52 -14.76 11.73 26.07
CA LEU B 52 -15.01 11.58 27.49
C LEU B 52 -14.06 10.54 28.07
N THR B 53 -13.59 10.81 29.29
CA THR B 53 -12.84 9.83 30.10
C THR B 53 -13.21 10.09 31.56
N GLY B 54 -12.71 9.27 32.48
CA GLY B 54 -13.07 9.48 33.87
C GLY B 54 -12.73 8.42 34.87
N THR B 55 -13.34 8.53 36.05
CA THR B 55 -13.01 7.67 37.17
C THR B 55 -14.23 7.00 37.80
N ASP B 56 -14.10 5.70 38.06
CA ASP B 56 -15.10 4.89 38.75
C ASP B 56 -14.69 4.93 40.22
N GLU B 57 -15.51 5.55 41.07
CA GLU B 57 -15.07 5.94 42.41
C GLU B 57 -15.74 5.24 43.62
N HIS B 58 -16.84 4.53 43.38
CA HIS B 58 -17.60 3.89 44.45
C HIS B 58 -17.15 2.46 44.73
N GLY B 59 -17.69 1.86 45.78
CA GLY B 59 -17.49 0.43 46.05
C GLY B 59 -16.64 0.10 47.25
N GLN B 60 -16.70 -1.15 47.66
CA GLN B 60 -16.10 -1.58 48.91
C GLN B 60 -14.58 -1.41 48.93
N LYS B 61 -13.92 -1.67 47.81
CA LYS B 61 -12.45 -1.61 47.76
C LYS B 61 -11.88 -0.19 47.88
N VAL B 62 -12.59 0.78 47.30
CA VAL B 62 -12.22 2.18 47.47
C VAL B 62 -12.35 2.56 48.94
N ALA B 63 -13.50 2.26 49.53
CA ALA B 63 -13.71 2.53 50.94
C ALA B 63 -12.61 1.91 51.78
N GLU B 64 -12.35 0.62 51.56
CA GLU B 64 -11.32 -0.11 52.29
C GLU B 64 -9.93 0.52 52.13
N ALA B 65 -9.64 1.05 50.94
CA ALA B 65 -8.34 1.66 50.65
C ALA B 65 -8.16 2.97 51.41
N ALA B 66 -9.20 3.80 51.36
CA ALA B 66 -9.29 5.03 52.16
C ALA B 66 -9.13 4.75 53.66
N LYS B 67 -9.79 3.69 54.14
CA LYS B 67 -9.71 3.30 55.55
C LYS B 67 -8.28 2.94 55.94
N GLN B 68 -7.57 2.32 55.00
CA GLN B 68 -6.20 1.90 55.20
C GLN B 68 -5.27 3.11 55.27
N LYS B 69 -5.50 4.10 54.41
CA LYS B 69 -4.74 5.35 54.42
C LYS B 69 -5.25 6.34 55.48
N GLN B 70 -6.31 5.95 56.21
CA GLN B 70 -6.90 6.74 57.29
C GLN B 70 -7.38 8.13 56.85
N VAL B 71 -8.04 8.17 55.71
CA VAL B 71 -8.63 9.36 55.16
C VAL B 71 -10.07 9.06 54.82
N SER B 72 -10.88 10.09 54.63
CA SER B 72 -12.27 9.85 54.24
C SER B 72 -12.26 9.38 52.76
N PRO B 73 -13.27 8.61 52.37
CA PRO B 73 -13.31 8.18 50.96
C PRO B 73 -13.45 9.33 49.98
N TYR B 74 -14.12 10.40 50.35
CA TYR B 74 -14.29 11.55 49.47
C TYR B 74 -12.94 12.24 49.24
N ASP B 75 -12.12 12.29 50.28
CA ASP B 75 -10.77 12.84 50.16
C ASP B 75 -9.89 11.94 49.29
N PHE B 76 -9.96 10.65 49.57
CA PHE B 76 -9.23 9.62 48.85
C PHE B 76 -9.55 9.67 47.34
N THR B 77 -10.83 9.59 47.02
CA THR B 77 -11.28 9.61 45.63
C THR B 77 -10.93 10.91 44.94
N THR B 78 -11.05 12.03 45.64
CA THR B 78 -10.67 13.32 45.06
C THR B 78 -9.16 13.34 44.75
N ALA B 79 -8.37 12.73 45.63
CA ALA B 79 -6.92 12.70 45.45
C ALA B 79 -6.53 11.85 44.23
N VAL B 80 -7.09 10.66 44.15
CA VAL B 80 -6.71 9.74 43.10
C VAL B 80 -7.22 10.26 41.76
N ALA B 81 -8.46 10.77 41.74
CA ALA B 81 -8.98 11.40 40.54
C ALA B 81 -8.05 12.51 40.09
N GLY B 82 -7.49 13.23 41.06
CA GLY B 82 -6.47 14.24 40.79
C GLY B 82 -5.23 13.70 40.09
N GLU B 83 -4.74 12.55 40.55
CA GLU B 83 -3.62 11.86 39.90
C GLU B 83 -3.95 11.54 38.44
N PHE B 84 -5.15 11.04 38.20
CA PHE B 84 -5.57 10.69 36.84
C PHE B 84 -5.62 11.94 35.94
N LYS B 85 -6.25 13.01 36.39
CA LYS B 85 -6.31 14.25 35.62
C LYS B 85 -4.93 14.77 35.30
N LYS B 86 -4.06 14.73 36.30
CA LYS B 86 -2.67 15.16 36.13
C LYS B 86 -1.94 14.32 35.08
N CYS B 87 -2.14 13.00 35.13
CA CYS B 87 -1.49 12.10 34.19
C CYS B 87 -1.88 12.41 32.75
N PHE B 88 -3.16 12.68 32.54
CA PHE B 88 -3.68 12.94 31.20
C PHE B 88 -3.29 14.32 30.69
N GLU B 89 -3.17 15.30 31.58
CA GLU B 89 -2.61 16.58 31.18
C GLU B 89 -1.14 16.42 30.77
N GLN B 90 -0.38 15.62 31.52
CA GLN B 90 1.03 15.37 31.16
C GLN B 90 1.19 14.64 29.84
N MET B 91 0.30 13.68 29.62
CA MET B 91 0.26 12.96 28.37
C MET B 91 -0.18 13.82 27.20
N ASP B 92 -0.78 14.97 27.49
CA ASP B 92 -1.07 15.96 26.46
C ASP B 92 -2.23 15.49 25.57
N TYR B 93 -3.28 14.96 26.22
CA TYR B 93 -4.50 14.58 25.54
C TYR B 93 -5.39 15.80 25.36
N SER B 94 -6.39 15.69 24.51
CA SER B 94 -7.37 16.73 24.33
C SER B 94 -8.76 16.15 24.55
N ILE B 95 -8.99 15.66 25.77
CA ILE B 95 -10.25 15.06 26.13
C ILE B 95 -11.15 16.15 26.69
N ASP B 96 -12.41 16.19 26.27
CA ASP B 96 -13.28 17.34 26.50
C ASP B 96 -13.87 17.42 27.91
N TYR B 97 -14.16 16.27 28.51
CA TYR B 97 -14.67 16.22 29.86
C TYR B 97 -14.17 15.00 30.64
N PHE B 98 -13.89 15.22 31.92
CA PHE B 98 -13.44 14.18 32.85
C PHE B 98 -14.57 13.99 33.86
N ILE B 99 -15.23 12.84 33.81
CA ILE B 99 -16.39 12.56 34.67
C ILE B 99 -15.96 11.73 35.87
N ARG B 100 -16.47 12.07 37.05
CA ARG B 100 -16.28 11.28 38.26
C ARG B 100 -17.66 10.78 38.75
N THR B 101 -17.75 9.50 39.10
CA THR B 101 -19.04 8.93 39.50
C THR B 101 -19.55 9.44 40.88
N THR B 102 -18.69 10.11 41.65
CA THR B 102 -19.13 10.79 42.86
C THR B 102 -19.94 12.06 42.53
N ASN B 103 -19.86 12.52 41.28
CA ASN B 103 -20.59 13.69 40.83
C ASN B 103 -22.11 13.58 41.02
N GLU B 104 -22.74 14.67 41.43
CA GLU B 104 -24.18 14.65 41.73
C GLU B 104 -25.05 14.37 40.51
N GLN B 105 -24.67 14.95 39.36
CA GLN B 105 -25.50 14.82 38.16
C GLN B 105 -25.45 13.38 37.70
N HIS B 106 -24.29 12.73 37.90
CA HIS B 106 -24.17 11.32 37.56
C HIS B 106 -25.15 10.48 38.38
N LYS B 107 -25.27 10.78 39.67
CA LYS B 107 -26.19 10.05 40.51
C LYS B 107 -27.64 10.30 40.10
N ALA B 108 -27.95 11.53 39.70
CA ALA B 108 -29.26 11.86 39.12
C ALA B 108 -29.56 10.91 37.96
N VAL B 109 -28.62 10.78 37.04
CA VAL B 109 -28.82 9.98 35.83
C VAL B 109 -28.95 8.50 36.18
N VAL B 110 -28.08 8.01 37.07
CA VAL B 110 -28.15 6.63 37.54
C VAL B 110 -29.53 6.33 38.14
N LYS B 111 -30.01 7.24 38.99
CA LYS B 111 -31.36 7.12 39.57
C LYS B 111 -32.44 7.13 38.51
N GLU B 112 -32.29 7.95 37.46
CA GLU B 112 -33.25 8.01 36.38
C GLU B 112 -33.30 6.71 35.59
N LEU B 113 -32.13 6.27 35.14
CA LEU B 113 -32.03 5.00 34.40
C LEU B 113 -32.52 3.81 35.24
N TRP B 114 -32.10 3.76 36.50
CA TRP B 114 -32.52 2.68 37.37
C TRP B 114 -34.06 2.65 37.40
N THR B 115 -34.66 3.80 37.71
CA THR B 115 -36.11 3.87 37.92
C THR B 115 -36.88 3.45 36.67
N LYS B 116 -36.34 3.79 35.50
CA LYS B 116 -36.99 3.42 34.28
C LYS B 116 -36.96 1.91 34.08
N LEU B 117 -35.79 1.31 34.28
CA LEU B 117 -35.66 -0.14 34.13
C LEU B 117 -36.58 -0.86 35.08
N GLU B 118 -36.70 -0.32 36.29
CA GLU B 118 -37.56 -0.91 37.30
C GLU B 118 -39.02 -0.70 36.95
N GLN B 119 -39.37 0.47 36.42
CA GLN B 119 -40.75 0.70 35.99
C GLN B 119 -41.16 -0.17 34.81
N LYS B 120 -40.22 -0.39 33.89
CA LYS B 120 -40.43 -1.31 32.77
C LYS B 120 -40.64 -2.78 33.19
N GLY B 121 -40.32 -3.12 34.43
CA GLY B 121 -40.41 -4.49 34.93
C GLY B 121 -39.14 -5.30 34.72
N ASP B 122 -38.08 -4.64 34.26
CA ASP B 122 -36.82 -5.32 33.93
C ASP B 122 -35.88 -5.41 35.13
N ILE B 123 -36.18 -4.67 36.18
CA ILE B 123 -35.54 -4.86 37.50
C ILE B 123 -36.64 -5.28 38.49
N TYR B 124 -36.40 -6.33 39.27
CA TYR B 124 -37.32 -6.76 40.34
C TYR B 124 -36.57 -6.99 41.63
N LEU B 125 -37.28 -6.87 42.75
CA LEU B 125 -36.74 -7.16 44.08
C LEU B 125 -37.11 -8.59 44.48
N GLY B 126 -36.12 -9.34 44.95
CA GLY B 126 -36.37 -10.70 45.41
C GLY B 126 -35.41 -11.09 46.51
N ARG B 127 -35.78 -12.08 47.30
CA ARG B 127 -34.92 -12.55 48.37
C ARG B 127 -33.97 -13.59 47.81
N TYR B 128 -32.67 -13.39 47.98
CA TYR B 128 -31.69 -14.37 47.52
C TYR B 128 -31.23 -15.24 48.68
N GLU B 129 -31.10 -16.54 48.44
CA GLU B 129 -30.54 -17.45 49.43
C GLU B 129 -29.57 -18.43 48.78
N GLY B 130 -28.30 -18.29 49.15
CA GLY B 130 -27.23 -19.10 48.58
C GLY B 130 -25.88 -18.50 48.96
N TRP B 131 -24.84 -18.93 48.24
CA TRP B 131 -23.49 -18.51 48.56
C TRP B 131 -23.14 -17.14 47.97
N TYR B 132 -22.29 -16.42 48.69
CA TYR B 132 -21.74 -15.12 48.27
C TYR B 132 -20.27 -15.05 48.66
N SER B 133 -19.41 -14.68 47.70
CA SER B 133 -18.01 -14.36 47.99
C SER B 133 -17.90 -12.85 48.24
N ILE B 134 -17.53 -12.46 49.46
CA ILE B 134 -17.42 -11.06 49.82
C ILE B 134 -16.20 -10.48 49.09
N SER B 135 -15.10 -11.23 49.15
CA SER B 135 -13.85 -10.86 48.46
C SER B 135 -14.06 -10.61 46.95
N ASP B 136 -14.78 -11.50 46.29
CA ASP B 136 -14.98 -11.41 44.82
C ASP B 136 -16.18 -10.56 44.40
N GLU B 137 -16.99 -10.14 45.36
CA GLU B 137 -18.21 -9.35 45.12
C GLU B 137 -19.19 -10.06 44.18
N SER B 138 -19.29 -11.38 44.33
CA SER B 138 -20.04 -12.25 43.40
C SER B 138 -20.97 -13.19 44.16
N PHE B 139 -22.17 -13.39 43.62
CA PHE B 139 -23.05 -14.48 44.05
C PHE B 139 -22.59 -15.74 43.32
N LEU B 140 -22.73 -16.90 43.97
CA LEU B 140 -22.20 -18.16 43.44
C LEU B 140 -23.18 -19.30 43.68
N THR B 141 -23.25 -20.25 42.74
CA THR B 141 -24.16 -21.40 42.88
C THR B 141 -23.49 -22.55 43.65
N PRO B 142 -24.28 -23.54 44.11
CA PRO B 142 -23.69 -24.71 44.78
C PRO B 142 -22.76 -25.56 43.88
N GLN B 143 -22.77 -25.29 42.58
CA GLN B 143 -21.83 -25.91 41.64
C GLN B 143 -20.44 -25.27 41.71
N ASN B 144 -20.39 -23.95 41.92
CA ASN B 144 -19.14 -23.17 41.87
C ASN B 144 -18.50 -23.03 43.25
N ILE B 145 -18.39 -24.14 43.98
CA ILE B 145 -18.02 -24.10 45.39
C ILE B 145 -17.53 -25.47 45.89
N THR B 146 -16.35 -25.48 46.51
CA THR B 146 -15.79 -26.68 47.15
C THR B 146 -15.11 -26.36 48.49
N ASP B 147 -14.67 -27.39 49.19
CA ASP B 147 -14.13 -27.25 50.55
C ASP B 147 -12.73 -26.63 50.58
N GLY B 148 -12.42 -25.92 51.67
CA GLY B 148 -11.16 -25.22 51.82
C GLY B 148 -10.90 -24.83 53.26
N VAL B 149 -9.96 -23.91 53.48
CA VAL B 149 -9.47 -23.60 54.83
C VAL B 149 -9.54 -22.10 55.12
N ASP B 150 -9.51 -21.75 56.41
CA ASP B 150 -9.37 -20.36 56.85
C ASP B 150 -8.62 -20.28 58.18
N ASN B 154 -8.90 -24.36 59.74
CA ASN B 154 -10.30 -24.61 60.09
C ASN B 154 -11.20 -24.72 58.84
N PRO B 155 -12.04 -25.78 58.77
CA PRO B 155 -12.79 -26.10 57.55
C PRO B 155 -13.78 -25.02 57.15
N CYS B 156 -13.75 -24.63 55.88
CA CYS B 156 -14.69 -23.66 55.33
C CYS B 156 -15.03 -23.96 53.86
N LYS B 157 -15.97 -23.21 53.29
CA LYS B 157 -16.29 -23.31 51.87
C LYS B 157 -15.65 -22.15 51.13
N VAL B 158 -15.11 -22.43 49.95
CA VAL B 158 -14.41 -21.42 49.13
C VAL B 158 -14.87 -21.50 47.68
N SER B 159 -14.64 -20.44 46.92
CA SER B 159 -15.01 -20.40 45.50
C SER B 159 -14.12 -21.34 44.70
N LEU B 160 -14.76 -22.10 43.81
CA LEU B 160 -14.08 -23.01 42.90
C LEU B 160 -13.03 -22.28 42.06
N GLU B 161 -13.36 -21.06 41.64
CA GLU B 161 -12.54 -20.29 40.71
C GLU B 161 -11.42 -19.52 41.43
N SER B 162 -11.79 -18.51 42.23
CA SER B 162 -10.81 -17.61 42.84
C SER B 162 -10.14 -18.19 44.08
N GLY B 163 -10.81 -19.14 44.74
CA GLY B 163 -10.28 -19.76 45.96
C GLY B 163 -10.59 -19.01 47.25
N HIS B 164 -11.23 -17.85 47.16
CA HIS B 164 -11.56 -17.05 48.34
C HIS B 164 -12.78 -17.63 49.06
N VAL B 165 -12.98 -17.20 50.31
CA VAL B 165 -14.02 -17.75 51.19
C VAL B 165 -15.42 -17.29 50.76
N VAL B 166 -16.39 -18.20 50.84
CA VAL B 166 -17.79 -17.88 50.52
C VAL B 166 -18.70 -18.10 51.73
N THR B 167 -19.59 -17.14 51.99
CA THR B 167 -20.53 -17.21 53.09
C THR B 167 -21.91 -17.55 52.53
N TRP B 168 -22.73 -18.24 53.31
CA TRP B 168 -24.15 -18.39 53.00
C TRP B 168 -24.88 -17.14 53.45
N VAL B 169 -25.70 -16.56 52.59
CA VAL B 169 -26.44 -15.34 52.92
C VAL B 169 -27.91 -15.46 52.57
N SER B 170 -28.72 -14.59 53.17
CA SER B 170 -30.16 -14.56 52.92
C SER B 170 -30.66 -13.12 52.96
N GLU B 171 -30.75 -12.48 51.80
CA GLU B 171 -31.05 -11.04 51.76
C GLU B 171 -31.76 -10.63 50.48
N GLU B 172 -32.44 -9.49 50.56
CA GLU B 172 -33.16 -8.95 49.42
C GLU B 172 -32.17 -8.35 48.43
N ASN B 173 -32.47 -8.44 47.14
CA ASN B 173 -31.52 -8.05 46.11
C ASN B 173 -32.22 -7.72 44.81
N TYR B 174 -31.81 -6.64 44.16
CA TYR B 174 -32.39 -6.28 42.86
C TYR B 174 -31.67 -7.01 41.72
N MET B 175 -32.47 -7.65 40.86
CA MET B 175 -31.96 -8.34 39.67
C MET B 175 -32.45 -7.65 38.42
N PHE B 176 -31.54 -7.42 37.48
CA PHE B 176 -31.90 -7.05 36.14
C PHE B 176 -32.12 -8.33 35.32
N ARG B 177 -33.25 -8.42 34.62
CA ARG B 177 -33.66 -9.66 33.96
C ARG B 177 -32.98 -9.84 32.60
N LEU B 178 -31.65 -9.91 32.65
CA LEU B 178 -30.82 -9.97 31.45
C LEU B 178 -31.19 -11.13 30.54
N SER B 179 -31.63 -12.25 31.10
CA SER B 179 -31.99 -13.43 30.31
C SER B 179 -33.05 -13.11 29.28
N ALA B 180 -33.92 -12.15 29.60
CA ALA B 180 -34.99 -11.76 28.69
C ALA B 180 -34.53 -10.94 27.47
N PHE B 181 -33.25 -10.60 27.42
CA PHE B 181 -32.73 -9.74 26.34
C PHE B 181 -31.88 -10.46 25.30
N ARG B 182 -31.68 -11.76 25.48
CA ARG B 182 -30.95 -12.59 24.52
C ARG B 182 -31.35 -12.34 23.06
N GLU B 183 -32.62 -12.50 22.73
CA GLU B 183 -33.04 -12.37 21.34
C GLU B 183 -32.76 -10.97 20.78
N ARG B 184 -33.09 -9.94 21.55
CA ARG B 184 -32.89 -8.56 21.08
C ARG B 184 -31.39 -8.25 20.86
N LEU B 185 -30.54 -8.79 21.71
CA LEU B 185 -29.09 -8.59 21.58
C LEU B 185 -28.57 -9.25 20.33
N LEU B 186 -28.94 -10.51 20.13
CA LEU B 186 -28.55 -11.23 18.93
C LEU B 186 -29.04 -10.51 17.66
N GLU B 187 -30.26 -9.97 17.68
CA GLU B 187 -30.75 -9.19 16.54
C GLU B 187 -29.83 -7.99 16.30
N TRP B 188 -29.45 -7.32 17.37
CA TRP B 188 -28.57 -6.17 17.29
C TRP B 188 -27.19 -6.52 16.74
N TYR B 189 -26.62 -7.65 17.13
CA TYR B 189 -25.31 -8.03 16.62
C TYR B 189 -25.40 -8.34 15.11
N HIS B 190 -26.36 -9.18 14.71
CA HIS B 190 -26.48 -9.56 13.31
CA HIS B 190 -26.55 -9.58 13.30
C HIS B 190 -26.92 -8.39 12.41
N ALA B 191 -27.68 -7.45 12.97
CA ALA B 191 -28.12 -6.29 12.20
C ALA B 191 -27.01 -5.26 12.01
N ASN B 192 -26.03 -5.24 12.92
CA ASN B 192 -24.94 -4.27 12.86
C ASN B 192 -23.60 -4.96 12.99
N PRO B 193 -23.20 -5.68 11.93
CA PRO B 193 -22.04 -6.56 12.04
C PRO B 193 -20.69 -5.85 12.17
N GLY B 194 -20.67 -4.53 12.18
CA GLY B 194 -19.46 -3.79 12.51
C GLY B 194 -19.51 -3.17 13.89
N CYS B 195 -20.51 -3.51 14.70
CA CYS B 195 -20.71 -2.83 15.97
C CYS B 195 -19.70 -3.21 17.04
N ILE B 196 -19.02 -4.35 16.90
CA ILE B 196 -17.98 -4.75 17.86
C ILE B 196 -16.73 -5.07 17.09
N VAL B 197 -15.61 -4.43 17.45
CA VAL B 197 -14.35 -4.58 16.71
C VAL B 197 -13.24 -4.90 17.71
N PRO B 198 -12.29 -5.75 17.34
CA PRO B 198 -12.09 -6.47 16.09
C PRO B 198 -13.00 -7.68 15.99
N GLU B 199 -13.10 -8.21 14.78
CA GLU B 199 -14.15 -9.17 14.44
C GLU B 199 -14.17 -10.38 15.35
N PHE B 200 -13.01 -10.96 15.66
CA PHE B 200 -13.00 -12.18 16.47
C PHE B 200 -13.58 -11.95 17.89
N ARG B 201 -13.55 -10.72 18.36
CA ARG B 201 -14.14 -10.40 19.66
C ARG B 201 -15.65 -10.24 19.54
N ARG B 202 -16.09 -9.75 18.40
CA ARG B 202 -17.51 -9.70 18.10
C ARG B 202 -18.08 -11.11 18.13
N ARG B 203 -17.36 -12.04 17.50
CA ARG B 203 -17.79 -13.43 17.46
C ARG B 203 -17.82 -14.05 18.87
N GLU B 204 -16.85 -13.76 19.71
CA GLU B 204 -16.87 -14.23 21.10
C GLU B 204 -18.12 -13.78 21.86
N VAL B 205 -18.52 -12.53 21.68
CA VAL B 205 -19.71 -12.00 22.34
C VAL B 205 -20.94 -12.77 21.86
N ILE B 206 -21.06 -12.96 20.55
CA ILE B 206 -22.21 -13.65 19.99
C ILE B 206 -22.32 -15.09 20.50
N ARG B 207 -21.20 -15.81 20.54
CA ARG B 207 -21.19 -17.17 21.08
C ARG B 207 -21.70 -17.21 22.51
N ALA B 208 -21.32 -16.20 23.29
CA ALA B 208 -21.69 -16.12 24.68
C ALA B 208 -23.19 -15.91 24.79
N VAL B 209 -23.70 -14.90 24.11
CA VAL B 209 -25.12 -14.60 24.17
C VAL B 209 -25.94 -15.76 23.62
N GLU B 210 -25.41 -16.48 22.65
CA GLU B 210 -26.09 -17.65 22.10
C GLU B 210 -26.23 -18.78 23.13
N LYS B 211 -25.24 -18.95 23.98
CA LYS B 211 -25.31 -19.94 25.07
C LYS B 211 -26.38 -19.63 26.10
N GLY B 212 -26.99 -18.45 26.04
CA GLY B 212 -28.03 -18.06 26.99
C GLY B 212 -27.41 -17.24 28.10
N LEU B 213 -28.20 -16.34 28.68
CA LEU B 213 -27.70 -15.40 29.69
C LEU B 213 -28.37 -15.62 31.04
N PRO B 214 -27.59 -15.52 32.12
CA PRO B 214 -28.22 -15.47 33.43
C PRO B 214 -28.67 -14.04 33.74
N ASP B 215 -29.53 -13.88 34.74
CA ASP B 215 -29.95 -12.56 35.18
C ASP B 215 -28.80 -11.90 35.95
N LEU B 216 -28.87 -10.59 36.10
CA LEU B 216 -27.74 -9.82 36.61
C LEU B 216 -28.09 -9.07 37.88
N SER B 217 -27.39 -9.39 38.97
CA SER B 217 -27.63 -8.70 40.25
C SER B 217 -27.09 -7.30 40.16
N VAL B 218 -27.95 -6.30 40.38
CA VAL B 218 -27.56 -4.88 40.22
C VAL B 218 -27.56 -4.05 41.50
N SER B 219 -27.67 -4.69 42.65
CA SER B 219 -27.53 -4.00 43.92
C SER B 219 -26.70 -4.80 44.89
N ARG B 220 -26.21 -4.14 45.92
CA ARG B 220 -25.68 -4.83 47.08
C ARG B 220 -26.20 -4.17 48.34
N ALA B 221 -26.17 -4.88 49.46
CA ALA B 221 -26.59 -4.27 50.74
C ALA B 221 -25.59 -3.16 51.12
N ARG B 222 -26.09 -2.07 51.69
CA ARG B 222 -25.24 -0.92 51.97
C ARG B 222 -24.02 -1.24 52.84
N ALA B 223 -24.19 -2.13 53.80
CA ALA B 223 -23.06 -2.59 54.65
C ALA B 223 -21.94 -3.23 53.83
N THR B 224 -22.34 -3.95 52.78
CA THR B 224 -21.40 -4.68 51.92
C THR B 224 -20.46 -3.73 51.18
N LEU B 225 -20.99 -2.55 50.83
CA LEU B 225 -20.24 -1.51 50.13
C LEU B 225 -19.70 -0.45 51.08
N HIS B 226 -19.79 -0.72 52.38
CA HIS B 226 -19.37 0.26 53.38
C HIS B 226 -20.02 1.61 53.12
N ASN B 227 -21.27 1.57 52.69
CA ASN B 227 -22.05 2.77 52.44
C ASN B 227 -21.39 3.73 51.44
N TRP B 228 -20.53 3.21 50.58
CA TRP B 228 -19.81 4.08 49.67
C TRP B 228 -20.26 3.80 48.23
N ALA B 229 -21.47 4.26 47.94
CA ALA B 229 -22.19 3.92 46.73
C ALA B 229 -23.46 4.74 46.60
N ILE B 230 -24.15 4.61 45.47
CA ILE B 230 -25.40 5.34 45.25
C ILE B 230 -26.54 4.52 45.80
N PRO B 231 -27.43 5.13 46.59
CA PRO B 231 -28.56 4.36 47.10
C PRO B 231 -29.59 3.98 46.03
N VAL B 232 -30.23 2.83 46.20
CA VAL B 232 -31.32 2.45 45.32
C VAL B 232 -32.53 3.36 45.58
N PRO B 233 -33.05 4.05 44.52
CA PRO B 233 -34.21 4.94 44.63
C PRO B 233 -35.36 4.27 45.36
N GLY B 234 -35.90 4.94 46.36
CA GLY B 234 -36.96 4.39 47.16
C GLY B 234 -36.56 3.30 48.13
N ASN B 235 -35.27 2.97 48.22
CA ASN B 235 -34.81 1.90 49.12
C ASN B 235 -33.39 2.13 49.69
N PRO B 236 -33.29 3.00 50.70
CA PRO B 236 -31.98 3.41 51.25
C PRO B 236 -31.09 2.26 51.81
N ASP B 237 -31.71 1.13 52.15
CA ASP B 237 -30.94 -0.04 52.59
C ASP B 237 -30.07 -0.70 51.52
N HIS B 238 -30.30 -0.37 50.25
CA HIS B 238 -29.54 -0.99 49.14
C HIS B 238 -28.82 0.03 48.29
N CAS B 239 -27.73 -0.42 47.69
CA CAS B 239 -26.91 0.43 46.85
CB CAS B 239 -25.48 0.45 47.34
C CAS B 239 -26.86 -0.10 45.46
O CAS B 239 -26.90 -1.31 45.22
SG CAS B 239 -25.34 0.78 49.08
AS CAS B 239 -25.81 2.92 49.09
CE1 CAS B 239 -27.40 3.25 50.23
CE2 CAS B 239 -24.36 3.93 50.00
N VAL B 240 -26.74 0.83 44.50
CA VAL B 240 -26.60 0.49 43.10
C VAL B 240 -25.19 -0.01 42.93
N TYR B 241 -25.05 -1.25 42.46
CA TYR B 241 -23.75 -1.89 42.29
C TYR B 241 -23.08 -1.37 41.00
N VAL B 242 -21.92 -1.90 40.64
CA VAL B 242 -21.08 -1.29 39.60
C VAL B 242 -21.71 -1.15 38.20
N TRP B 243 -22.57 -2.08 37.82
CA TRP B 243 -23.07 -2.14 36.45
C TRP B 243 -23.81 -0.84 36.09
N LEU B 244 -24.88 -0.51 36.80
CA LEU B 244 -25.70 0.69 36.47
C LEU B 244 -25.12 2.00 37.00
N ASP B 245 -24.05 1.90 37.77
CA ASP B 245 -23.31 3.08 38.19
C ASP B 245 -22.28 3.41 37.11
N ALA B 246 -21.32 2.50 36.91
CA ALA B 246 -20.21 2.74 36.01
C ALA B 246 -20.60 2.86 34.51
N LEU B 247 -21.40 1.93 34.00
CA LEU B 247 -21.71 1.96 32.57
C LEU B 247 -22.44 3.25 32.25
N THR B 248 -23.27 3.69 33.19
CA THR B 248 -24.09 4.86 33.01
C THR B 248 -23.29 6.16 32.84
N ASN B 249 -22.01 6.16 33.23
CA ASN B 249 -21.16 7.35 33.04
C ASN B 249 -21.26 7.94 31.63
N TYR B 250 -21.38 7.04 30.65
CA TYR B 250 -21.46 7.42 29.24
C TYR B 250 -22.73 8.20 28.92
N LEU B 251 -23.84 7.78 29.52
CA LEU B 251 -25.10 8.51 29.41
C LEU B 251 -25.01 9.85 30.13
N THR B 252 -24.51 9.85 31.36
CA THR B 252 -24.39 11.10 32.11
C THR B 252 -23.60 12.11 31.28
N GLY B 253 -22.41 11.72 30.87
CA GLY B 253 -21.52 12.59 30.09
C GLY B 253 -22.18 13.18 28.87
N SER B 254 -23.03 12.36 28.23
CA SER B 254 -23.69 12.78 26.99
C SER B 254 -24.72 13.89 27.20
N ARG B 255 -25.04 14.13 28.48
CA ARG B 255 -26.05 15.09 28.89
C ARG B 255 -25.50 16.29 29.67
N LEU B 256 -24.19 16.36 29.86
CA LEU B 256 -23.60 17.46 30.63
C LEU B 256 -23.16 18.60 29.74
N ARG B 257 -23.65 19.81 30.03
CA ARG B 257 -23.07 21.03 29.47
C ARG B 257 -21.80 21.41 30.23
N VAL B 258 -20.74 21.72 29.49
CA VAL B 258 -19.43 21.99 30.07
C VAL B 258 -18.97 23.39 29.69
N ASP B 259 -18.32 24.08 30.62
CA ASP B 259 -17.85 25.45 30.38
C ASP B 259 -16.44 25.45 29.74
N GLU B 260 -15.94 26.65 29.45
CA GLU B 260 -14.60 26.84 28.86
C GLU B 260 -13.49 26.15 29.67
N SER B 261 -13.64 26.11 31.00
CA SER B 261 -12.61 25.54 31.88
C SER B 261 -12.72 24.03 32.16
N GLY B 262 -13.71 23.35 31.55
CA GLY B 262 -13.87 21.89 31.69
C GLY B 262 -14.80 21.42 32.81
N LYS B 263 -15.42 22.37 33.51
CA LYS B 263 -16.29 22.06 34.64
C LYS B 263 -17.75 21.86 34.20
N GLU B 264 -18.38 20.85 34.80
CA GLU B 264 -19.79 20.52 34.52
C GLU B 264 -20.70 21.59 35.10
N VAL B 265 -21.47 22.23 34.23
CA VAL B 265 -22.29 23.36 34.64
C VAL B 265 -23.78 22.97 34.72
N SER B 266 -24.21 21.97 33.95
CA SER B 266 -25.63 21.68 33.85
C SER B 266 -25.90 20.29 33.29
N LEU B 267 -26.99 19.68 33.75
CA LEU B 267 -27.44 18.38 33.25
C LEU B 267 -28.78 18.53 32.52
N VAL B 268 -28.74 18.42 31.20
CA VAL B 268 -29.95 18.57 30.40
C VAL B 268 -30.86 17.35 30.59
N ASP B 269 -32.16 17.53 30.39
CA ASP B 269 -33.10 16.41 30.56
C ASP B 269 -33.03 15.41 29.41
N ASP B 270 -32.95 15.94 28.19
CA ASP B 270 -33.04 15.13 26.96
C ASP B 270 -31.72 15.07 26.21
N PHE B 271 -31.02 13.95 26.33
CA PHE B 271 -29.74 13.76 25.62
C PHE B 271 -29.71 14.38 24.21
N ASN B 272 -30.78 14.18 23.42
CA ASN B 272 -30.83 14.73 22.07
C ASN B 272 -30.49 16.21 21.98
N GLU B 273 -30.68 16.95 23.08
CA GLU B 273 -30.37 18.39 23.12
C GLU B 273 -28.89 18.66 22.81
N LEU B 274 -28.01 17.72 23.15
CA LEU B 274 -26.56 17.89 22.95
C LEU B 274 -25.97 17.02 21.83
N GLU B 275 -26.80 16.14 21.26
CA GLU B 275 -26.45 15.41 20.04
C GLU B 275 -25.27 14.43 20.21
N ARG B 276 -24.99 14.02 21.44
CA ARG B 276 -23.88 13.10 21.70
C ARG B 276 -24.32 11.66 21.79
N PHE B 277 -25.32 11.40 22.63
CA PHE B 277 -25.75 10.02 22.86
C PHE B 277 -26.45 9.50 21.63
N PRO B 278 -26.18 8.24 21.24
CA PRO B 278 -25.27 7.28 21.83
C PRO B 278 -23.85 7.41 21.31
N ALA B 279 -22.91 6.85 22.04
CA ALA B 279 -21.50 6.88 21.66
C ALA B 279 -21.30 6.37 20.23
N ASP B 280 -20.50 7.09 19.46
CA ASP B 280 -20.10 6.59 18.15
C ASP B 280 -18.98 5.56 18.28
N VAL B 281 -18.12 5.71 19.29
CA VAL B 281 -17.13 4.70 19.63
C VAL B 281 -16.88 4.59 21.14
N HIS B 282 -17.13 3.42 21.70
CA HIS B 282 -16.68 3.09 23.04
C HIS B 282 -15.34 2.38 22.94
N VAL B 283 -14.28 3.01 23.44
CA VAL B 283 -12.97 2.38 23.51
C VAL B 283 -12.85 1.64 24.83
N ILE B 284 -12.49 0.36 24.80
CA ILE B 284 -12.30 -0.43 26.01
C ILE B 284 -11.20 -1.49 25.87
N GLY B 285 -10.69 -1.97 27.00
CA GLY B 285 -9.85 -3.18 27.04
C GLY B 285 -10.70 -4.41 26.84
N LYS B 286 -10.08 -5.49 26.35
CA LYS B 286 -10.78 -6.75 26.12
C LYS B 286 -11.45 -7.29 27.37
N ASP B 287 -10.94 -6.92 28.53
CA ASP B 287 -11.39 -7.44 29.83
C ASP B 287 -12.79 -6.99 30.27
N ILE B 288 -13.28 -5.90 29.69
CA ILE B 288 -14.63 -5.42 30.00
C ILE B 288 -15.54 -5.42 28.78
N LEU B 289 -15.23 -6.29 27.81
CA LEU B 289 -16.02 -6.40 26.58
C LEU B 289 -17.46 -6.79 26.86
N LYS B 290 -17.66 -7.82 27.67
CA LYS B 290 -19.00 -8.33 27.94
C LYS B 290 -19.90 -7.31 28.60
N PHE B 291 -19.32 -6.51 29.49
CA PHE B 291 -20.06 -5.51 30.26
C PHE B 291 -20.62 -4.45 29.32
N HIS B 292 -19.84 -4.15 28.28
CA HIS B 292 -20.18 -3.15 27.27
C HIS B 292 -20.98 -3.69 26.07
N ALA B 293 -20.78 -4.96 25.72
CA ALA B 293 -21.44 -5.54 24.54
C ALA B 293 -22.71 -6.32 24.89
N ILE B 294 -22.84 -6.75 26.14
CA ILE B 294 -24.02 -7.49 26.60
C ILE B 294 -24.82 -6.67 27.61
N TYR B 295 -24.30 -6.43 28.81
CA TYR B 295 -25.04 -5.64 29.81
C TYR B 295 -25.50 -4.25 29.33
N TRP B 296 -24.54 -3.47 28.85
CA TRP B 296 -24.79 -2.06 28.48
C TRP B 296 -25.95 -1.94 27.49
N PRO B 297 -25.89 -2.63 26.35
CA PRO B 297 -27.04 -2.55 25.42
C PRO B 297 -28.37 -3.10 25.96
N ALA B 298 -28.32 -4.06 26.88
CA ALA B 298 -29.52 -4.59 27.48
C ALA B 298 -30.19 -3.50 28.32
N PHE B 299 -29.38 -2.78 29.11
CA PHE B 299 -29.88 -1.61 29.83
C PHE B 299 -30.50 -0.57 28.90
N LEU B 300 -29.84 -0.33 27.77
CA LEU B 300 -30.29 0.68 26.84
C LEU B 300 -31.57 0.24 26.15
N LEU B 301 -31.65 -1.06 25.83
CA LEU B 301 -32.87 -1.64 25.28
C LEU B 301 -34.05 -1.50 26.25
N SER B 302 -33.86 -1.92 27.51
CA SER B 302 -34.91 -1.79 28.52
C SER B 302 -35.42 -0.37 28.53
N ALA B 303 -34.50 0.58 28.55
CA ALA B 303 -34.86 1.99 28.70
C ALA B 303 -35.39 2.60 27.43
N GLY B 304 -35.24 1.92 26.30
CA GLY B 304 -35.61 2.48 25.00
C GLY B 304 -34.68 3.60 24.57
N LEU B 305 -33.42 3.52 24.99
CA LEU B 305 -32.39 4.46 24.55
C LEU B 305 -31.68 3.90 23.32
N PRO B 306 -31.11 4.78 22.47
CA PRO B 306 -30.35 4.27 21.33
C PRO B 306 -29.06 3.58 21.74
N LEU B 307 -28.69 2.57 20.96
CA LEU B 307 -27.49 1.77 21.25
C LEU B 307 -26.27 2.38 20.56
N PRO B 308 -25.08 2.15 21.12
CA PRO B 308 -23.86 2.72 20.56
C PRO B 308 -23.55 2.14 19.19
N LYS B 309 -22.86 2.90 18.35
CA LYS B 309 -22.53 2.43 17.01
C LYS B 309 -21.44 1.39 17.01
N LYS B 310 -20.44 1.56 17.88
CA LYS B 310 -19.28 0.68 17.89
C LYS B 310 -18.65 0.54 19.24
N ILE B 311 -18.15 -0.66 19.52
CA ILE B 311 -17.35 -0.94 20.70
C ILE B 311 -16.05 -1.55 20.21
N VAL B 312 -14.93 -0.89 20.47
CA VAL B 312 -13.60 -1.35 20.08
C VAL B 312 -12.81 -1.77 21.32
N ALA B 313 -12.37 -3.03 21.30
CA ALA B 313 -11.70 -3.69 22.43
C ALA B 313 -10.26 -4.04 22.08
N HIS B 314 -9.31 -3.46 22.80
CA HIS B 314 -7.89 -3.68 22.55
C HIS B 314 -7.31 -4.69 23.55
N GLY B 315 -6.01 -4.96 23.39
CA GLY B 315 -5.29 -5.93 24.23
C GLY B 315 -4.47 -5.37 25.38
N TRP B 316 -3.67 -6.25 25.99
CA TRP B 316 -2.88 -5.92 27.17
C TRP B 316 -1.36 -5.86 26.87
N TRP B 317 -0.78 -4.67 26.98
CA TRP B 317 0.67 -4.50 26.81
C TRP B 317 1.53 -5.31 27.79
N THR B 318 2.70 -5.70 27.31
CA THR B 318 3.80 -6.25 28.12
C THR B 318 5.05 -5.42 27.85
N LYS B 319 6.10 -5.60 28.67
CA LYS B 319 7.41 -5.00 28.37
C LYS B 319 8.50 -6.06 28.39
N ASP B 320 9.36 -6.03 27.36
CA ASP B 320 10.43 -7.02 27.19
C ASP B 320 9.89 -8.45 27.29
N ARG B 321 8.71 -8.65 26.69
CA ARG B 321 8.03 -9.93 26.59
C ARG B 321 7.67 -10.52 27.97
N LYS B 322 7.48 -9.63 28.95
CA LYS B 322 7.12 -10.02 30.32
C LYS B 322 5.97 -9.15 30.83
N LYS B 323 5.28 -9.64 31.87
CA LYS B 323 4.17 -8.93 32.50
C LYS B 323 4.65 -7.62 33.14
N ILE B 324 3.87 -6.57 33.00
CA ILE B 324 4.21 -5.26 33.55
C ILE B 324 3.76 -5.21 35.01
N SER B 325 4.73 -5.23 35.91
CA SER B 325 4.46 -5.18 37.35
C SER B 325 5.63 -4.56 38.09
N LYS B 326 5.30 -3.67 39.04
CA LYS B 326 6.32 -3.09 39.91
C LYS B 326 6.85 -4.14 40.89
N SER B 327 5.97 -5.03 41.35
CA SER B 327 6.34 -6.11 42.30
C SER B 327 7.33 -7.09 41.71
N LEU B 328 7.24 -7.30 40.39
CA LEU B 328 8.13 -8.23 39.66
C LEU B 328 9.25 -7.50 38.90
N GLY B 329 9.53 -6.25 39.29
CA GLY B 329 10.64 -5.50 38.72
C GLY B 329 10.54 -5.16 37.24
N ASN B 330 9.32 -5.09 36.72
CA ASN B 330 9.12 -4.72 35.33
C ASN B 330 8.16 -3.53 35.19
N VAL B 331 8.68 -2.35 35.49
CA VAL B 331 7.93 -1.10 35.36
C VAL B 331 7.95 -0.58 33.93
N PHE B 332 6.78 -0.17 33.45
CA PHE B 332 6.66 0.57 32.20
C PHE B 332 5.83 1.84 32.40
N ASP B 333 6.54 2.95 32.63
CA ASP B 333 5.95 4.26 32.95
C ASP B 333 5.86 5.14 31.69
N PRO B 334 4.64 5.33 31.16
CA PRO B 334 4.47 6.10 29.92
C PRO B 334 5.06 7.51 29.97
N VAL B 335 4.84 8.22 31.08
CA VAL B 335 5.32 9.60 31.19
C VAL B 335 6.83 9.61 31.10
N GLU B 336 7.44 8.67 31.81
CA GLU B 336 8.88 8.56 31.90
C GLU B 336 9.50 8.26 30.53
N LYS B 337 8.88 7.35 29.80
CA LYS B 337 9.37 6.96 28.47
C LYS B 337 9.14 8.06 27.46
N ALA B 338 8.00 8.75 27.60
CA ALA B 338 7.73 9.95 26.80
C ALA B 338 8.75 11.06 27.06
N GLU B 339 9.13 11.24 28.32
CA GLU B 339 10.17 12.21 28.67
C GLU B 339 11.49 11.86 27.98
N GLU B 340 11.77 10.57 27.80
CA GLU B 340 13.03 10.11 27.23
C GLU B 340 13.09 10.14 25.71
N PHE B 341 12.03 9.66 25.04
CA PHE B 341 12.00 9.51 23.58
C PHE B 341 11.11 10.53 22.87
N GLY B 342 10.30 11.27 23.62
CA GLY B 342 9.31 12.18 23.05
C GLY B 342 7.88 11.69 23.26
N TYR B 343 6.97 12.63 23.41
CA TYR B 343 5.56 12.32 23.65
C TYR B 343 4.85 11.80 22.37
N ASP B 344 4.90 12.59 21.29
CA ASP B 344 4.34 12.14 20.00
C ASP B 344 5.00 10.83 19.54
N ALA B 345 6.26 10.68 19.86
CA ALA B 345 7.02 9.50 19.42
C ALA B 345 6.53 8.25 20.13
N LEU B 346 6.28 8.36 21.43
CA LEU B 346 5.80 7.23 22.20
C LEU B 346 4.39 6.86 21.77
N LYS B 347 3.55 7.88 21.61
CA LYS B 347 2.17 7.69 21.18
C LYS B 347 2.17 6.97 19.84
N TYR B 348 3.00 7.45 18.92
CA TYR B 348 3.18 6.79 17.62
C TYR B 348 3.54 5.32 17.81
N PHE B 349 4.49 5.03 18.69
CA PHE B 349 4.87 3.64 18.95
C PHE B 349 3.70 2.78 19.41
N LEU B 350 2.95 3.26 20.39
CA LEU B 350 1.88 2.44 20.97
C LEU B 350 0.79 2.14 19.93
N LEU B 351 0.57 3.09 19.05
CA LEU B 351 -0.49 2.97 18.09
C LEU B 351 -0.04 2.17 16.89
N ARG B 352 1.27 2.18 16.60
CA ARG B 352 1.80 1.56 15.41
C ARG B 352 2.26 0.12 15.68
N GLU B 353 2.91 -0.07 16.83
CA GLU B 353 3.57 -1.34 17.12
C GLU B 353 2.59 -2.52 17.14
N SER B 354 1.37 -2.27 17.60
CA SER B 354 0.40 -3.34 17.71
C SER B 354 -0.99 -2.86 17.31
N GLY B 355 -1.79 -3.80 16.83
CA GLY B 355 -3.20 -3.54 16.53
C GLY B 355 -4.06 -3.92 17.72
N PHE B 356 -5.38 -3.79 17.59
CA PHE B 356 -6.28 -4.03 18.70
C PHE B 356 -6.49 -5.52 18.95
N SER B 357 -6.18 -6.34 17.94
CA SER B 357 -6.25 -7.80 18.09
C SER B 357 -5.10 -8.34 18.92
N ASP B 358 -4.01 -7.60 18.99
CA ASP B 358 -2.79 -8.10 19.61
C ASP B 358 -2.60 -7.51 20.99
N ASP B 359 -1.96 -8.29 21.86
CA ASP B 359 -1.39 -7.80 23.10
C ASP B 359 0.03 -7.34 22.77
N GLY B 360 0.21 -6.03 22.59
CA GLY B 360 1.48 -5.45 22.17
C GLY B 360 2.61 -5.64 23.15
N ASP B 361 3.84 -5.50 22.65
CA ASP B 361 5.05 -5.57 23.48
C ASP B 361 5.93 -4.34 23.27
N TYR B 362 6.27 -3.68 24.38
CA TYR B 362 7.21 -2.57 24.36
C TYR B 362 8.64 -3.06 24.61
N SER B 363 9.59 -2.48 23.89
CA SER B 363 10.98 -2.51 24.31
C SER B 363 11.67 -1.21 23.92
N ASP B 364 12.73 -0.86 24.62
CA ASP B 364 13.50 0.31 24.24
C ASP B 364 14.10 0.10 22.84
N LYS B 365 14.57 -1.12 22.58
CA LYS B 365 15.10 -1.49 21.29
C LYS B 365 14.14 -1.17 20.14
N ASN B 366 12.90 -1.66 20.23
CA ASN B 366 11.90 -1.47 19.18
C ASN B 366 11.40 -0.02 19.10
N MET B 367 11.23 0.60 20.26
CA MET B 367 10.89 2.02 20.35
C MET B 367 11.86 2.86 19.50
N ILE B 368 13.15 2.64 19.76
CA ILE B 368 14.22 3.29 19.03
C ILE B 368 14.21 2.92 17.54
N ALA B 369 14.00 1.64 17.25
CA ALA B 369 13.95 1.18 15.86
C ALA B 369 12.90 1.98 15.07
N ARG B 370 11.67 2.08 15.60
CA ARG B 370 10.62 2.85 14.96
C ARG B 370 10.88 4.36 14.99
N LEU B 371 11.40 4.87 16.10
CA LEU B 371 11.72 6.29 16.16
C LEU B 371 12.71 6.68 15.03
N ASN B 372 13.72 5.85 14.82
CA ASN B 372 14.78 6.14 13.85
C ASN B 372 14.39 5.86 12.42
N GLY B 373 13.75 4.72 12.18
CA GLY B 373 13.41 4.30 10.83
C GLY B 373 12.21 5.04 10.23
N GLU B 374 11.19 5.25 11.04
CA GLU B 374 9.92 5.76 10.55
C GLU B 374 9.80 7.27 10.80
N LEU B 375 9.92 7.69 12.05
CA LEU B 375 9.75 9.11 12.41
C LEU B 375 10.89 10.01 11.92
N ALA B 376 12.14 9.59 12.13
CA ALA B 376 13.32 10.34 11.66
C ALA B 376 13.65 10.13 10.18
N ASP B 377 13.90 8.89 9.77
CA ASP B 377 14.31 8.61 8.39
C ASP B 377 13.19 8.83 7.40
N THR B 378 12.07 8.16 7.58
CA THR B 378 11.03 8.26 6.57
C THR B 378 10.38 9.65 6.57
N LEU B 379 9.84 10.07 7.72
CA LEU B 379 9.09 11.32 7.80
C LEU B 379 9.98 12.56 8.00
N GLY B 380 10.76 12.56 9.07
CA GLY B 380 11.51 13.75 9.47
C GLY B 380 12.46 14.21 8.40
N ASN B 381 13.21 13.27 7.86
CA ASN B 381 14.22 13.55 6.87
C ASN B 381 13.63 14.17 5.60
N LEU B 382 12.46 13.67 5.21
CA LEU B 382 11.77 14.18 4.02
C LEU B 382 11.30 15.62 4.22
N VAL B 383 10.82 15.91 5.43
CA VAL B 383 10.33 17.24 5.78
C VAL B 383 11.46 18.24 5.68
N MET B 384 12.60 17.87 6.26
CA MET B 384 13.77 18.73 6.27
C MET B 384 14.26 18.98 4.85
N ARG B 385 14.29 17.94 4.03
CA ARG B 385 14.80 18.09 2.66
C ARG B 385 13.96 19.04 1.82
N CYS B 386 12.63 18.92 1.87
CA CYS B 386 11.79 19.73 0.98
C CYS B 386 11.67 21.19 1.48
N THR B 387 12.05 21.42 2.74
CA THR B 387 12.15 22.77 3.31
C THR B 387 13.59 23.29 3.31
N SER B 388 14.52 22.40 3.00
CA SER B 388 15.94 22.71 2.78
C SER B 388 16.18 23.92 1.87
N ALA B 389 17.02 24.85 2.33
CA ALA B 389 17.48 25.99 1.51
C ALA B 389 18.30 25.54 0.31
N LYS B 390 18.98 24.40 0.44
CA LYS B 390 19.77 23.85 -0.68
C LYS B 390 18.86 23.48 -1.84
N ILE B 391 17.66 23.03 -1.53
CA ILE B 391 16.76 22.46 -2.53
C ILE B 391 15.60 23.41 -2.87
N ASN B 392 14.99 23.95 -1.82
CA ASN B 392 13.95 24.96 -1.94
C ASN B 392 14.63 26.31 -1.74
N VAL B 393 15.31 26.77 -2.79
CA VAL B 393 16.17 27.96 -2.70
C VAL B 393 15.38 29.25 -2.46
N ASN B 394 14.21 29.37 -3.10
CA ASN B 394 13.33 30.52 -2.89
C ASN B 394 12.45 30.45 -1.63
N GLY B 395 12.67 29.46 -0.77
CA GLY B 395 11.89 29.29 0.46
C GLY B 395 10.39 29.46 0.30
N GLU B 396 9.79 28.64 -0.56
CA GLU B 396 8.36 28.75 -0.87
C GLU B 396 7.83 27.49 -1.56
N TRP B 397 6.51 27.43 -1.71
CA TRP B 397 5.87 26.42 -2.52
C TRP B 397 5.95 26.83 -3.99
N PRO B 398 6.53 25.98 -4.85
CA PRO B 398 6.65 26.35 -6.25
C PRO B 398 5.40 26.03 -7.05
N SER B 399 5.27 26.73 -8.17
CA SER B 399 4.21 26.50 -9.11
C SER B 399 4.65 25.36 -10.02
N PRO B 400 3.89 24.25 -10.04
CA PRO B 400 4.41 23.12 -10.79
C PRO B 400 4.22 23.31 -12.29
N ALA B 401 5.20 22.84 -13.07
CA ALA B 401 5.08 22.72 -14.53
C ALA B 401 4.35 21.43 -14.93
N ALA B 402 4.49 21.01 -16.18
CA ALA B 402 3.79 19.80 -16.67
C ALA B 402 4.13 18.53 -15.88
N TYR B 403 3.13 17.66 -15.71
CA TYR B 403 3.30 16.40 -15.00
C TYR B 403 3.64 15.22 -15.93
N THR B 404 4.64 14.44 -15.53
CA THR B 404 4.96 13.17 -16.18
C THR B 404 4.05 12.09 -15.64
N GLU B 405 4.04 10.92 -16.27
CA GLU B 405 3.30 9.79 -15.74
C GLU B 405 3.74 9.45 -14.34
N GLU B 406 5.04 9.51 -14.06
CA GLU B 406 5.52 9.19 -12.72
C GLU B 406 4.94 10.14 -11.67
N ASP B 407 4.96 11.44 -11.96
CA ASP B 407 4.30 12.43 -11.12
C ASP B 407 2.85 12.04 -10.86
N GLU B 408 2.10 11.81 -11.94
CA GLU B 408 0.71 11.45 -11.83
C GLU B 408 0.50 10.23 -10.92
N SER B 409 1.42 9.27 -10.97
CA SER B 409 1.27 8.07 -10.16
C SER B 409 1.41 8.39 -8.68
N LEU B 410 2.30 9.32 -8.33
CA LEU B 410 2.47 9.72 -6.95
C LEU B 410 1.30 10.56 -6.46
N ILE B 411 0.92 11.52 -7.30
CA ILE B 411 -0.23 12.36 -7.05
C ILE B 411 -1.48 11.53 -6.76
N GLN B 412 -1.65 10.44 -7.49
CA GLN B 412 -2.81 9.57 -7.28
C GLN B 412 -2.78 8.97 -5.87
N LEU B 413 -1.60 8.53 -5.43
CA LEU B 413 -1.46 7.94 -4.10
C LEU B 413 -1.83 8.96 -3.06
N ILE B 414 -1.47 10.20 -3.28
CA ILE B 414 -1.73 11.26 -2.34
C ILE B 414 -3.24 11.57 -2.30
N LYS B 415 -3.84 11.69 -3.47
CA LYS B 415 -5.28 11.88 -3.58
C LYS B 415 -6.09 10.76 -2.93
N ASP B 416 -5.59 9.53 -3.08
CA ASP B 416 -6.31 8.38 -2.59
C ASP B 416 -6.18 8.24 -1.07
N LEU B 417 -5.14 8.83 -0.51
CA LEU B 417 -4.82 8.59 0.88
C LEU B 417 -5.96 8.96 1.84
N PRO B 418 -6.49 10.18 1.76
CA PRO B 418 -7.52 10.55 2.74
C PRO B 418 -8.68 9.57 2.84
N GLY B 419 -9.17 9.09 1.70
CA GLY B 419 -10.28 8.15 1.69
C GLY B 419 -9.94 6.82 2.34
N THR B 420 -8.74 6.31 2.05
CA THR B 420 -8.23 5.11 2.69
C THR B 420 -8.11 5.32 4.20
N ALA B 421 -7.40 6.37 4.57
CA ALA B 421 -7.15 6.67 5.97
C ALA B 421 -8.44 6.87 6.73
N ASP B 422 -9.40 7.56 6.12
CA ASP B 422 -10.71 7.76 6.74
C ASP B 422 -11.43 6.45 7.09
N HIS B 423 -11.45 5.50 6.16
CA HIS B 423 -12.08 4.20 6.43
C HIS B 423 -11.42 3.49 7.59
N TYR B 424 -10.10 3.50 7.63
CA TYR B 424 -9.39 2.87 8.74
C TYR B 424 -9.69 3.58 10.06
N TYR B 425 -9.84 4.90 10.03
CA TYR B 425 -10.05 5.67 11.25
C TYR B 425 -11.43 5.37 11.78
N LEU B 426 -12.37 5.10 10.86
CA LEU B 426 -13.73 4.80 11.25
C LEU B 426 -14.01 3.37 11.74
N ILE B 427 -13.09 2.43 11.50
CA ILE B 427 -13.36 1.03 11.83
C ILE B 427 -13.63 0.80 13.33
N PRO B 428 -12.75 1.31 14.21
CA PRO B 428 -11.49 2.01 14.00
C PRO B 428 -10.31 1.06 14.01
N ASP B 429 -9.30 1.39 13.22
CA ASP B 429 -8.08 0.61 13.13
C ASP B 429 -6.98 1.61 12.91
N ILE B 430 -6.39 2.07 14.01
CA ILE B 430 -5.47 3.19 13.95
C ILE B 430 -4.14 2.73 13.40
N GLN B 431 -3.76 1.50 13.69
CA GLN B 431 -2.53 0.96 13.15
C GLN B 431 -2.52 0.97 11.64
N LYS B 432 -3.60 0.48 11.03
CA LYS B 432 -3.68 0.44 9.57
C LYS B 432 -3.73 1.84 8.98
N ALA B 433 -4.36 2.78 9.66
CA ALA B 433 -4.37 4.16 9.21
C ALA B 433 -2.96 4.72 9.10
N ILE B 434 -2.15 4.46 10.12
CA ILE B 434 -0.77 4.92 10.14
C ILE B 434 0.07 4.27 9.03
N ILE B 435 -0.11 2.96 8.85
CA ILE B 435 0.62 2.26 7.83
C ILE B 435 0.25 2.85 6.49
N ALA B 436 -1.04 3.09 6.27
CA ALA B 436 -1.51 3.64 5.01
C ALA B 436 -0.78 4.92 4.70
N VAL B 437 -0.76 5.84 5.66
CA VAL B 437 -0.07 7.11 5.47
C VAL B 437 1.38 6.84 5.18
N PHE B 438 1.99 5.96 5.95
CA PHE B 438 3.41 5.71 5.78
C PHE B 438 3.75 5.01 4.46
N ASP B 439 2.79 4.32 3.85
CA ASP B 439 3.00 3.78 2.50
C ASP B 439 3.24 4.95 1.55
N VAL B 440 2.49 6.02 1.74
CA VAL B 440 2.61 7.19 0.87
C VAL B 440 3.91 7.93 1.14
N LEU B 441 4.28 8.04 2.42
CA LEU B 441 5.57 8.64 2.79
C LEU B 441 6.72 7.90 2.12
N ARG B 442 6.67 6.57 2.09
CA ARG B 442 7.71 5.77 1.43
C ARG B 442 7.74 6.04 -0.06
N ALA B 443 6.56 6.14 -0.67
CA ALA B 443 6.45 6.45 -2.10
C ALA B 443 7.02 7.84 -2.42
N ILE B 444 6.84 8.79 -1.50
CA ILE B 444 7.38 10.12 -1.72
C ILE B 444 8.89 10.08 -1.69
N ASN B 445 9.45 9.45 -0.67
CA ASN B 445 10.91 9.27 -0.63
C ASN B 445 11.46 8.60 -1.90
N ALA B 446 10.79 7.54 -2.35
CA ALA B 446 11.20 6.83 -3.57
C ALA B 446 11.20 7.76 -4.78
N TYR B 447 10.14 8.56 -4.91
CA TYR B 447 10.03 9.58 -5.96
C TYR B 447 11.18 10.58 -5.89
N VAL B 448 11.44 11.11 -4.69
CA VAL B 448 12.52 12.07 -4.48
C VAL B 448 13.86 11.44 -4.87
N THR B 449 14.05 10.18 -4.50
CA THR B 449 15.27 9.46 -4.83
C THR B 449 15.47 9.38 -6.36
N ASP B 450 14.41 9.04 -7.09
CA ASP B 450 14.50 8.95 -8.55
C ASP B 450 14.71 10.31 -9.19
N MET B 451 14.02 11.32 -8.69
CA MET B 451 14.07 12.63 -9.30
C MET B 451 15.36 13.38 -8.96
N ALA B 452 16.01 12.99 -7.85
CA ALA B 452 17.26 13.62 -7.40
C ALA B 452 17.19 15.15 -7.52
N PRO B 453 16.31 15.78 -6.72
CA PRO B 453 16.12 17.23 -6.83
C PRO B 453 17.34 18.05 -6.44
N TRP B 454 18.25 17.46 -5.67
CA TRP B 454 19.55 18.08 -5.36
C TRP B 454 20.41 18.36 -6.60
N LYS B 455 20.20 17.60 -7.67
CA LYS B 455 20.85 17.89 -8.95
C LYS B 455 19.98 18.82 -9.80
N LEU B 456 18.67 18.70 -9.66
CA LEU B 456 17.75 19.52 -10.46
C LEU B 456 17.92 21.02 -10.21
N VAL B 457 18.18 21.40 -8.95
CA VAL B 457 18.44 22.83 -8.62
C VAL B 457 19.45 23.48 -9.56
N LYS B 458 20.41 22.69 -10.04
CA LYS B 458 21.45 23.16 -10.96
C LYS B 458 21.06 22.91 -12.43
N THR B 459 20.71 21.67 -12.73
CA THR B 459 20.43 21.22 -14.10
C THR B 459 19.15 21.80 -14.71
N ASP B 460 18.05 21.71 -13.98
CA ASP B 460 16.72 21.92 -14.56
C ASP B 460 15.79 22.47 -13.49
N PRO B 461 15.80 23.79 -13.28
CA PRO B 461 14.96 24.34 -12.23
C PRO B 461 13.47 24.25 -12.56
N GLU B 462 13.10 24.27 -13.84
CA GLU B 462 11.69 24.18 -14.24
C GLU B 462 11.12 22.83 -13.83
N ARG B 463 11.92 21.76 -13.96
CA ARG B 463 11.48 20.44 -13.52
C ARG B 463 11.40 20.37 -11.98
N LEU B 464 12.38 20.95 -11.30
CA LEU B 464 12.38 21.00 -9.85
C LEU B 464 11.09 21.56 -9.30
N ARG B 465 10.58 22.63 -9.93
CA ARG B 465 9.32 23.23 -9.53
C ARG B 465 8.25 22.16 -9.40
N THR B 466 8.10 21.36 -10.44
CA THR B 466 7.10 20.31 -10.45
C THR B 466 7.37 19.31 -9.34
N VAL B 467 8.62 18.87 -9.24
CA VAL B 467 8.99 17.78 -8.33
C VAL B 467 8.84 18.22 -6.88
N LEU B 468 9.32 19.43 -6.62
CA LEU B 468 9.31 19.99 -5.28
C LEU B 468 7.88 20.20 -4.82
N TYR B 469 7.06 20.79 -5.67
CA TYR B 469 5.65 21.00 -5.35
C TYR B 469 4.94 19.70 -4.90
N ILE B 470 5.11 18.63 -5.66
CA ILE B 470 4.43 17.38 -5.33
C ILE B 470 4.88 16.87 -3.97
N THR B 471 6.19 16.89 -3.76
CA THR B 471 6.78 16.49 -2.50
C THR B 471 6.19 17.28 -1.33
N LEU B 472 6.14 18.59 -1.47
CA LEU B 472 5.58 19.43 -0.42
C LEU B 472 4.14 19.04 -0.11
N GLU B 473 3.35 18.83 -1.16
CA GLU B 473 1.93 18.58 -1.00
C GLU B 473 1.73 17.17 -0.42
N GLY B 474 2.61 16.26 -0.77
CA GLY B 474 2.56 14.91 -0.21
C GLY B 474 2.82 14.96 1.27
N VAL B 475 3.84 15.73 1.64
CA VAL B 475 4.18 15.85 3.04
C VAL B 475 3.03 16.49 3.81
N ARG B 476 2.45 17.56 3.27
CA ARG B 476 1.34 18.23 3.93
C ARG B 476 0.20 17.28 4.21
N VAL B 477 -0.23 16.54 3.18
CA VAL B 477 -1.39 15.68 3.29
C VAL B 477 -1.15 14.52 4.23
N THR B 478 0.00 13.87 4.10
CA THR B 478 0.39 12.80 5.02
C THR B 478 0.47 13.29 6.46
N THR B 479 0.95 14.52 6.63
CA THR B 479 1.06 15.13 7.95
C THR B 479 -0.32 15.45 8.48
N LEU B 480 -1.19 15.93 7.60
CA LEU B 480 -2.57 16.23 8.02
C LEU B 480 -3.20 14.99 8.64
N LEU B 481 -3.12 13.88 7.94
CA LEU B 481 -3.77 12.65 8.39
C LEU B 481 -3.01 11.98 9.51
N LEU B 482 -1.75 12.35 9.71
CA LEU B 482 -1.01 11.94 10.90
C LEU B 482 -1.18 12.86 12.09
N SER B 483 -1.82 14.02 11.92
CA SER B 483 -1.85 14.99 13.00
C SER B 483 -2.57 14.46 14.26
N PRO B 484 -3.54 13.54 14.11
CA PRO B 484 -4.09 12.92 15.31
C PRO B 484 -3.13 12.03 16.08
N ILE B 485 -2.10 11.53 15.40
CA ILE B 485 -1.10 10.64 16.01
C ILE B 485 0.05 11.48 16.58
N LEU B 486 0.47 12.49 15.82
CA LEU B 486 1.55 13.37 16.22
C LEU B 486 1.01 14.82 16.35
N PRO B 487 0.18 15.05 17.36
CA PRO B 487 -0.51 16.34 17.49
C PRO B 487 0.42 17.56 17.55
N ARG B 488 1.54 17.43 18.27
CA ARG B 488 2.50 18.54 18.40
C ARG B 488 3.46 18.65 17.23
N LYS B 489 4.07 17.53 16.84
CA LYS B 489 5.02 17.52 15.73
C LYS B 489 4.40 17.94 14.40
N SER B 490 3.12 17.63 14.19
CA SER B 490 2.45 18.05 12.99
C SER B 490 2.39 19.58 12.92
N VAL B 491 2.19 20.20 14.07
CA VAL B 491 2.19 21.65 14.15
C VAL B 491 3.56 22.19 13.78
N VAL B 492 4.62 21.48 14.21
CA VAL B 492 5.98 21.87 13.82
C VAL B 492 6.10 21.74 12.30
N ILE B 493 5.66 20.61 11.76
CA ILE B 493 5.81 20.36 10.32
C ILE B 493 5.06 21.41 9.52
N PHE B 494 3.80 21.66 9.88
CA PHE B 494 3.05 22.70 9.17
C PHE B 494 3.72 24.05 9.33
N ASP B 495 4.25 24.34 10.51
CA ASP B 495 4.97 25.61 10.69
C ASP B 495 6.10 25.70 9.69
N MET B 496 6.83 24.60 9.50
CA MET B 496 7.95 24.56 8.56
C MET B 496 7.53 24.80 7.12
N LEU B 497 6.41 24.19 6.72
CA LEU B 497 5.89 24.31 5.35
C LEU B 497 5.19 25.65 5.12
N GLY B 498 4.98 26.38 6.21
CA GLY B 498 4.23 27.61 6.17
C GLY B 498 2.79 27.41 5.77
N VAL B 499 2.19 26.30 6.21
CA VAL B 499 0.78 26.04 5.93
C VAL B 499 -0.08 26.94 6.80
N PRO B 500 -0.89 27.81 6.16
CA PRO B 500 -1.79 28.64 6.93
C PRO B 500 -2.67 27.80 7.85
N GLU B 501 -2.95 28.36 9.03
CA GLU B 501 -3.75 27.71 10.05
C GLU B 501 -5.06 27.17 9.51
N VAL B 502 -5.72 27.99 8.70
CA VAL B 502 -6.99 27.64 8.12
C VAL B 502 -6.90 26.33 7.31
N HIS B 503 -5.75 26.05 6.69
CA HIS B 503 -5.57 24.81 5.93
C HIS B 503 -5.11 23.60 6.76
N ARG B 504 -5.02 23.73 8.08
CA ARG B 504 -4.53 22.64 8.95
C ARG B 504 -5.65 21.76 9.54
N LYS B 505 -6.88 22.04 9.11
CA LYS B 505 -8.07 21.50 9.71
C LYS B 505 -9.14 21.47 8.61
N GLY B 506 -10.05 20.51 8.68
CA GLY B 506 -11.21 20.46 7.76
C GLY B 506 -11.08 19.47 6.62
N ILE B 507 -12.14 18.73 6.36
CA ILE B 507 -12.17 17.72 5.31
C ILE B 507 -11.77 18.28 3.94
N GLU B 508 -12.21 19.49 3.63
CA GLU B 508 -11.88 20.11 2.36
C GLU B 508 -10.37 20.20 2.14
N ASN B 509 -9.59 20.26 3.21
CA ASN B 509 -8.12 20.34 3.10
C ASN B 509 -7.39 19.02 2.93
N PHE B 510 -8.12 17.91 3.02
CA PHE B 510 -7.57 16.61 2.71
C PHE B 510 -7.20 16.55 1.21
N GLU B 511 -7.86 17.40 0.42
CA GLU B 511 -7.68 17.42 -1.02
C GLU B 511 -6.31 17.90 -1.49
N PHE B 512 -5.85 17.24 -2.55
CA PHE B 512 -4.66 17.64 -3.27
C PHE B 512 -4.81 19.07 -3.76
N GLY B 513 -3.81 19.88 -3.47
CA GLY B 513 -3.74 21.25 -3.99
C GLY B 513 -4.32 22.37 -3.15
N ALA B 514 -4.68 22.09 -1.89
CA ALA B 514 -5.34 23.09 -1.03
C ALA B 514 -4.48 24.28 -0.68
N VAL B 515 -3.16 24.13 -0.74
CA VAL B 515 -2.24 25.22 -0.48
C VAL B 515 -1.67 25.69 -1.80
N PRO B 516 -1.91 26.95 -2.16
CA PRO B 516 -1.47 27.48 -3.46
C PRO B 516 0.00 27.84 -3.52
N PRO B 517 0.63 27.61 -4.69
CA PRO B 517 2.01 28.03 -4.91
C PRO B 517 2.20 29.50 -4.56
N GLY B 518 3.40 29.87 -4.13
CA GLY B 518 3.67 31.23 -3.68
C GLY B 518 3.55 31.33 -2.17
N THR B 519 2.92 30.33 -1.56
CA THR B 519 2.90 30.19 -0.11
C THR B 519 4.35 30.13 0.36
N ARG B 520 4.69 30.97 1.35
CA ARG B 520 6.04 31.04 1.88
C ARG B 520 6.25 30.03 2.99
N LEU B 521 7.41 29.38 3.00
CA LEU B 521 7.80 28.51 4.10
C LEU B 521 7.93 29.28 5.40
N GLY B 522 7.86 28.56 6.52
CA GLY B 522 8.15 29.14 7.81
C GLY B 522 9.64 29.43 7.95
N PRO B 523 9.99 30.33 8.88
CA PRO B 523 11.39 30.68 9.04
C PRO B 523 12.21 29.49 9.51
N ALA B 524 13.44 29.40 9.02
CA ALA B 524 14.34 28.31 9.39
C ALA B 524 14.99 28.62 10.73
N VAL B 525 14.97 27.63 11.64
CA VAL B 525 15.72 27.72 12.89
C VAL B 525 17.09 27.05 12.69
N GLU B 526 18.16 27.78 13.01
CA GLU B 526 19.54 27.36 12.72
C GLU B 526 19.78 25.84 12.79
N GLY B 527 19.57 25.25 13.97
CA GLY B 527 19.89 23.84 14.18
C GLY B 527 18.74 22.95 14.61
N GLU B 528 17.51 23.28 14.23
CA GLU B 528 16.36 22.52 14.70
C GLU B 528 16.21 21.16 14.01
N VAL B 529 15.68 20.19 14.75
CA VAL B 529 15.42 18.86 14.24
C VAL B 529 13.98 18.52 14.56
N LEU B 530 13.37 17.65 13.74
CA LEU B 530 12.01 17.19 14.00
C LEU B 530 12.00 16.02 14.98
N PHE B 531 12.78 14.99 14.67
CA PHE B 531 12.97 13.87 15.57
C PHE B 531 14.45 13.56 15.62
N SER B 532 15.03 13.61 16.81
CA SER B 532 16.42 13.24 16.98
C SER B 532 16.58 11.72 16.96
N LYS B 533 17.48 11.24 16.11
CA LYS B 533 17.79 9.81 16.06
C LYS B 533 18.56 9.47 17.33
N ARG B 534 18.48 8.22 17.78
CA ARG B 534 19.04 7.86 19.08
C ARG B 534 19.85 6.57 19.10
N SER B 535 20.63 6.42 20.17
CA SER B 535 21.66 5.37 20.32
C SER B 535 21.27 4.01 19.74
N THR B 536 22.10 3.53 18.82
CA THR B 536 21.81 2.32 18.02
C THR B 536 21.87 1.02 18.86
C1 GOL C . 11.20 -8.82 -1.70
O1 GOL C . 9.98 -9.58 -1.73
C2 GOL C . 10.87 -7.54 -2.44
O2 GOL C . 10.06 -6.74 -1.59
C3 GOL C . 12.10 -6.77 -2.82
O3 GOL C . 11.78 -6.04 -4.01
C1 GOL D . 25.33 9.80 -50.87
O1 GOL D . 24.71 10.82 -50.07
C2 GOL D . 24.39 9.47 -52.01
O2 GOL D . 23.12 9.10 -51.41
C3 GOL D . 24.20 10.67 -52.93
O3 GOL D . 25.47 11.31 -53.12
C1 GOL E . -5.03 -18.12 -27.64
O1 GOL E . -5.80 -17.38 -28.59
C2 GOL E . -4.32 -19.25 -28.37
O2 GOL E . -2.90 -18.97 -28.40
C3 GOL E . -4.60 -20.59 -27.68
O3 GOL E . -3.73 -21.59 -28.21
C1 GOL F . -17.95 -16.99 -22.53
O1 GOL F . -17.42 -17.13 -21.19
C2 GOL F . -19.34 -16.33 -22.60
O2 GOL F . -19.86 -16.07 -21.28
C3 GOL F . -19.38 -15.05 -23.44
O3 GOL F . -19.29 -13.82 -22.66
S DMS G . 29.95 8.41 -30.15
O DMS G . 29.57 7.07 -30.66
C1 DMS G . 31.63 8.65 -30.47
C2 DMS G . 29.13 9.63 -31.04
S SO4 H . -4.10 -11.03 -22.27
O1 SO4 H . -5.16 -11.81 -22.95
O2 SO4 H . -3.05 -10.56 -23.21
O3 SO4 H . -3.50 -11.87 -21.20
O4 SO4 H . -4.71 -9.83 -21.65
S SO4 I . 22.91 9.92 -11.41
O1 SO4 I . 22.62 9.10 -12.63
O2 SO4 I . 24.36 9.82 -11.08
O3 SO4 I . 22.11 9.43 -10.26
O4 SO4 I . 22.60 11.34 -11.71
N MET J . 20.92 -5.38 -32.72
CA MET J . 21.15 -4.54 -31.51
C MET J . 21.48 -5.45 -30.32
O MET J . 21.28 -6.66 -30.32
CB MET J . 19.91 -3.69 -31.17
CG MET J . 19.27 -2.91 -32.34
SD MET J . 17.72 -2.10 -31.87
CE MET J . 17.43 -0.98 -33.24
OXT MET J . 21.95 -4.95 -29.30
C1 GOL K . 7.31 -3.84 10.57
O1 GOL K . 7.67 -2.45 10.60
C2 GOL K . 5.88 -3.96 11.05
O2 GOL K . 4.99 -4.14 9.94
C3 GOL K . 5.71 -5.15 11.96
O3 GOL K . 4.30 -5.22 12.17
C1 GOL L . -21.24 7.90 48.54
O1 GOL L . -22.30 7.12 49.11
C2 GOL L . -21.70 8.58 47.25
O2 GOL L . -22.84 9.36 47.56
C3 GOL L . -20.58 9.45 46.69
O3 GOL L . -20.34 10.53 47.59
S DMS M . -16.39 -6.69 39.48
O DMS M . -16.98 -7.37 38.31
C1 DMS M . -15.29 -7.74 40.28
C2 DMS M . -15.33 -5.45 38.97
S SO4 N . -4.83 18.05 16.23
O1 SO4 N . -3.44 17.52 16.15
O2 SO4 N . -5.41 18.04 14.87
O3 SO4 N . -4.81 19.46 16.72
O4 SO4 N . -5.67 17.18 17.11
S SO4 O . -40.05 -10.24 28.85
O1 SO4 O . -39.36 -10.25 27.53
O2 SO4 O . -39.71 -11.51 29.54
O3 SO4 O . -41.52 -10.11 28.63
O4 SO4 O . -39.61 -9.06 29.65
O 2EM P . -16.24 -1.90 41.94
C7 2EM P . -16.36 -1.01 41.09
N2 2EM P . -17.40 -0.09 41.12
C8 2EM P . -18.53 -0.04 42.00
C11 2EM P . -19.40 1.09 41.89
C10 2EM P . -20.45 1.02 42.74
S 2EM P . -20.40 -0.43 43.65
C9 2EM P . -18.96 -0.94 42.93
N1 2EM P . -15.48 -0.83 40.10
C6 2EM P . -14.35 -1.72 39.88
C5 2EM P . -13.63 -1.44 38.58
C4 2EM P . -14.40 -1.93 37.38
N 2EM P . -13.67 -1.78 36.12
C3 2EM P . -14.29 -2.26 34.88
C2 2EM P . -15.74 -1.89 34.67
C12 2EM P . -16.07 -0.74 33.88
C17 2EM P . -15.29 0.23 33.24
C16 2EM P . -15.90 1.23 32.51
C15 2EM P . -17.28 1.29 32.40
C14 2EM P . -18.07 0.35 33.02
C13 2EM P . -17.47 -0.66 33.76
S1 2EM P . -18.27 -1.96 34.60
C1 2EM P . -16.77 -2.63 35.14
C 2EM P . -16.81 -3.85 36.00
#